data_2V0O
#
_entry.id   2V0O
#
_cell.length_a   254.440
_cell.length_b   65.680
_cell.length_c   89.910
_cell.angle_alpha   90.00
_cell.angle_beta   110.32
_cell.angle_gamma   90.00
#
_symmetry.space_group_name_H-M   'C 1 2 1'
#
loop_
_entity.id
_entity.type
_entity.pdbx_description
1 polymer 'FCH DOMAIN ONLY PROTEIN 2'
2 non-polymer 'ACETATE ION'
3 water water
#
_entity_poly.entity_id   1
_entity_poly.type   'polypeptide(L)'
_entity_poly.pdbx_seq_one_letter_code
;LGSPMAYFVENFWGEKNSGFDVLYHNMKHGQISTKELADFVRERATIEEAYSRSMTKLAKSASNYSQLGTFAPVWDVFKT
STEKLANCHLDLVRKLQELIKEVQKYGEEQVKSHKKTKEEVAGTLEAVQTIQSITQALQKSKENYNAKCVEQERLKKEGA
TQREIEKAAVKSKKATDTYKLYVEKYALAKADFEQKMTETAQKFQDIEETHLIHIKEIIGSLSNAIKEIHLQIGQVHEEF
INNMANTTVESLIQKFAESKGTGKERPGLIEFEECD
;
_entity_poly.pdbx_strand_id   A,B,C
#
# COMPACT_ATOMS: atom_id res chain seq x y z
N PRO A 4 -9.00 29.33 16.06
CA PRO A 4 -10.31 29.88 16.40
C PRO A 4 -10.81 30.92 15.39
N MET A 5 -9.92 31.34 14.48
CA MET A 5 -10.21 32.40 13.52
C MET A 5 -11.17 31.91 12.41
N ALA A 6 -12.01 32.83 11.93
CA ALA A 6 -12.99 32.52 10.90
C ALA A 6 -12.40 32.71 9.50
N TYR A 7 -11.60 31.73 9.08
CA TYR A 7 -10.95 31.76 7.76
C TYR A 7 -11.94 31.67 6.61
N PHE A 8 -13.00 30.89 6.80
CA PHE A 8 -14.01 30.67 5.77
C PHE A 8 -14.92 31.89 5.56
N VAL A 9 -15.20 32.60 6.66
CA VAL A 9 -15.99 33.83 6.61
C VAL A 9 -15.22 34.94 5.90
N GLU A 10 -13.94 35.09 6.26
CA GLU A 10 -13.09 36.15 5.73
C GLU A 10 -12.71 35.99 4.26
N ASN A 11 -12.67 34.75 3.77
CA ASN A 11 -12.08 34.45 2.47
C ASN A 11 -13.02 33.98 1.36
N PHE A 12 -14.30 33.87 1.65
CA PHE A 12 -15.24 33.32 0.67
C PHE A 12 -16.37 34.27 0.22
N TRP A 13 -15.97 35.43 -0.27
CA TRP A 13 -16.91 36.42 -0.81
C TRP A 13 -16.71 36.55 -2.33
N GLY A 14 -16.08 37.63 -2.75
CA GLY A 14 -15.82 37.88 -4.17
C GLY A 14 -17.01 38.44 -4.92
N GLU A 15 -16.74 38.97 -6.11
CA GLU A 15 -17.76 39.62 -6.94
C GLU A 15 -18.82 38.68 -7.51
N LYS A 16 -18.45 37.42 -7.72
CA LYS A 16 -19.32 36.44 -8.37
C LYS A 16 -20.37 35.83 -7.46
N ASN A 17 -20.23 36.07 -6.15
CA ASN A 17 -21.06 35.44 -5.11
C ASN A 17 -21.05 33.91 -5.19
N SER A 18 -19.90 33.35 -5.59
CA SER A 18 -19.76 31.91 -5.81
C SER A 18 -19.18 31.16 -4.60
N GLY A 19 -18.82 31.91 -3.57
CA GLY A 19 -18.23 31.35 -2.35
C GLY A 19 -19.02 30.22 -1.71
N PHE A 20 -20.33 30.37 -1.67
CA PHE A 20 -21.22 29.35 -1.13
C PHE A 20 -21.05 28.04 -1.89
N ASP A 21 -21.06 28.14 -3.23
CA ASP A 21 -20.92 26.99 -4.11
C ASP A 21 -19.63 26.23 -3.83
N VAL A 22 -18.51 26.96 -3.79
CA VAL A 22 -17.21 26.37 -3.51
C VAL A 22 -17.20 25.63 -2.17
N LEU A 23 -17.63 26.32 -1.12
CA LEU A 23 -17.68 25.73 0.22
C LEU A 23 -18.55 24.47 0.30
N TYR A 24 -19.72 24.52 -0.32
CA TYR A 24 -20.65 23.39 -0.30
C TYR A 24 -20.05 22.17 -0.97
N HIS A 25 -19.45 22.36 -2.13
CA HIS A 25 -18.83 21.26 -2.87
C HIS A 25 -17.55 20.76 -2.21
N ASN A 26 -16.87 21.64 -1.48
CA ASN A 26 -15.73 21.24 -0.65
C ASN A 26 -16.13 20.29 0.48
N MET A 27 -17.32 20.52 1.02
CA MET A 27 -17.90 19.61 2.01
C MET A 27 -18.10 18.25 1.37
N LYS A 28 -18.63 18.26 0.15
CA LYS A 28 -18.89 17.02 -0.59
C LYS A 28 -17.60 16.30 -0.99
N HIS A 29 -16.52 17.05 -1.18
CA HIS A 29 -15.22 16.46 -1.50
C HIS A 29 -14.63 15.74 -0.29
N GLY A 30 -15.18 16.04 0.89
CA GLY A 30 -14.81 15.33 2.13
C GLY A 30 -15.16 13.85 2.08
N GLN A 31 -16.01 13.49 1.12
CA GLN A 31 -16.35 12.09 0.87
C GLN A 31 -15.21 11.40 0.12
N ILE A 32 -14.60 12.13 -0.81
CA ILE A 32 -13.44 11.62 -1.54
C ILE A 32 -12.35 11.17 -0.56
N SER A 33 -11.98 12.07 0.36
CA SER A 33 -10.89 11.83 1.32
C SER A 33 -11.08 10.54 2.13
N THR A 34 -12.33 10.27 2.51
CA THR A 34 -12.68 9.07 3.26
C THR A 34 -12.48 7.79 2.43
N LYS A 35 -12.87 7.84 1.15
CA LYS A 35 -12.66 6.74 0.22
C LYS A 35 -11.18 6.49 -0.07
N GLU A 36 -10.42 7.58 -0.17
CA GLU A 36 -9.00 7.49 -0.49
C GLU A 36 -8.19 6.94 0.68
N LEU A 37 -8.61 7.28 1.90
CA LEU A 37 -7.94 6.82 3.11
C LEU A 37 -8.13 5.32 3.31
N ALA A 38 -9.37 4.86 3.14
CA ALA A 38 -9.69 3.43 3.21
C ALA A 38 -8.89 2.65 2.18
N ASP A 39 -8.75 3.21 0.98
CA ASP A 39 -7.98 2.60 -0.09
C ASP A 39 -6.50 2.48 0.28
N PHE A 40 -5.98 3.50 0.96
CA PHE A 40 -4.59 3.51 1.42
C PHE A 40 -4.35 2.43 2.46
N VAL A 41 -5.29 2.28 3.40
CA VAL A 41 -5.18 1.29 4.47
C VAL A 41 -5.34 -0.14 3.92
N ARG A 42 -6.17 -0.29 2.90
CA ARG A 42 -6.31 -1.57 2.19
C ARG A 42 -5.01 -2.03 1.55
N GLU A 43 -4.29 -1.08 0.95
CA GLU A 43 -3.01 -1.39 0.29
C GLU A 43 -1.90 -1.67 1.30
N ARG A 44 -1.93 -0.99 2.44
CA ARG A 44 -0.99 -1.25 3.53
C ARG A 44 -1.21 -2.64 4.13
N ALA A 45 -2.48 -3.03 4.25
CA ALA A 45 -2.87 -4.36 4.73
C ALA A 45 -2.46 -5.46 3.76
N THR A 46 -2.53 -5.14 2.46
CA THR A 46 -2.08 -6.05 1.41
C THR A 46 -0.59 -6.37 1.55
N ILE A 47 0.21 -5.33 1.79
CA ILE A 47 1.66 -5.47 1.95
C ILE A 47 1.97 -6.25 3.23
N GLU A 48 1.24 -5.97 4.30
CA GLU A 48 1.41 -6.68 5.58
C GLU A 48 1.07 -8.16 5.49
N GLU A 49 0.09 -8.50 4.66
CA GLU A 49 -0.33 -9.90 4.50
C GLU A 49 0.62 -10.67 3.60
N ALA A 50 1.13 -9.99 2.58
CA ALA A 50 2.16 -10.56 1.71
C ALA A 50 3.40 -10.91 2.52
N TYR A 51 3.78 -10.02 3.44
CA TYR A 51 4.91 -10.21 4.33
C TYR A 51 4.65 -11.36 5.30
N SER A 52 3.45 -11.40 5.86
CA SER A 52 3.05 -12.44 6.80
C SER A 52 3.04 -13.84 6.18
N ARG A 53 2.50 -13.94 4.97
CA ARG A 53 2.42 -15.22 4.26
C ARG A 53 3.79 -15.74 3.82
N SER A 54 4.68 -14.82 3.44
CA SER A 54 6.05 -15.18 3.06
C SER A 54 6.86 -15.63 4.27
N MET A 55 6.63 -14.98 5.41
CA MET A 55 7.29 -15.36 6.66
C MET A 55 6.83 -16.72 7.14
N THR A 56 5.53 -17.00 6.99
CA THR A 56 4.98 -18.31 7.30
C THR A 56 5.66 -19.39 6.47
N LYS A 57 5.85 -19.12 5.18
CA LYS A 57 6.56 -20.03 4.27
C LYS A 57 8.02 -20.20 4.67
N LEU A 58 8.62 -19.13 5.20
CA LEU A 58 10.00 -19.16 5.68
C LEU A 58 10.18 -20.06 6.90
N ALA A 59 9.14 -20.12 7.73
CA ALA A 59 9.12 -21.00 8.90
C ALA A 59 9.00 -22.47 8.49
N LYS A 60 8.22 -22.73 7.44
CA LYS A 60 8.06 -24.07 6.87
C LYS A 60 9.38 -24.61 6.33
N SER A 61 10.13 -23.73 5.66
CA SER A 61 11.44 -24.09 5.12
C SER A 61 12.47 -24.28 6.24
N ALA A 62 12.22 -23.62 7.38
CA ALA A 62 13.07 -23.76 8.56
C ALA A 62 12.88 -25.12 9.24
N SER A 63 11.64 -25.62 9.21
CA SER A 63 11.31 -26.92 9.79
C SER A 63 11.79 -28.07 8.89
N ASN A 64 11.97 -27.78 7.60
CA ASN A 64 12.39 -28.79 6.63
C ASN A 64 13.89 -28.75 6.32
N TYR A 65 14.67 -28.19 7.23
CA TYR A 65 16.13 -28.22 7.10
C TYR A 65 16.68 -29.56 7.61
N SER A 66 17.91 -29.88 7.20
CA SER A 66 18.54 -31.16 7.51
C SER A 66 18.69 -31.39 9.02
N GLN A 67 18.41 -32.63 9.42
CA GLN A 67 18.52 -33.04 10.82
C GLN A 67 19.95 -33.50 11.17
N LEU A 68 20.81 -33.51 10.16
CA LEU A 68 22.21 -33.87 10.34
C LEU A 68 23.01 -32.68 10.88
N GLY A 69 23.95 -32.96 11.78
CA GLY A 69 24.78 -31.92 12.39
C GLY A 69 24.36 -31.57 13.80
N THR A 70 25.25 -30.88 14.52
CA THR A 70 25.02 -30.49 15.91
C THR A 70 24.07 -29.29 16.01
N PHE A 71 24.04 -28.49 14.95
CA PHE A 71 23.23 -27.27 14.90
C PHE A 71 21.74 -27.56 14.65
N ALA A 72 21.45 -28.74 14.12
CA ALA A 72 20.09 -29.12 13.71
C ALA A 72 18.90 -28.74 14.63
N PRO A 73 19.03 -28.95 15.96
CA PRO A 73 17.93 -28.59 16.86
C PRO A 73 17.64 -27.08 16.98
N VAL A 74 18.58 -26.24 16.55
CA VAL A 74 18.42 -24.78 16.65
C VAL A 74 17.36 -24.25 15.67
N TRP A 75 17.17 -24.96 14.55
CA TRP A 75 16.18 -24.56 13.55
C TRP A 75 14.75 -24.47 14.08
N ASP A 76 14.50 -25.15 15.21
CA ASP A 76 13.19 -25.09 15.87
C ASP A 76 13.00 -23.75 16.58
N VAL A 77 14.10 -23.15 17.03
CA VAL A 77 14.08 -21.80 17.60
C VAL A 77 13.80 -20.80 16.49
N PHE A 78 14.38 -21.02 15.31
CA PHE A 78 14.09 -20.25 14.12
C PHE A 78 12.65 -20.44 13.66
N LYS A 79 12.15 -21.67 13.74
CA LYS A 79 10.78 -22.00 13.34
C LYS A 79 9.74 -21.26 14.19
N THR A 80 9.85 -21.41 15.50
CA THR A 80 8.87 -20.84 16.43
C THR A 80 8.84 -19.30 16.40
N SER A 81 10.02 -18.68 16.30
CA SER A 81 10.13 -17.22 16.25
C SER A 81 9.59 -16.64 14.94
N THR A 82 9.91 -17.29 13.83
CA THR A 82 9.42 -16.90 12.51
C THR A 82 7.90 -17.08 12.43
N GLU A 83 7.39 -18.15 13.04
CA GLU A 83 5.94 -18.38 13.14
C GLU A 83 5.25 -17.28 13.95
N LYS A 84 5.90 -16.83 15.02
CA LYS A 84 5.37 -15.78 15.89
C LYS A 84 5.42 -14.42 15.21
N LEU A 85 6.49 -14.19 14.45
CA LEU A 85 6.68 -12.95 13.70
C LEU A 85 5.64 -12.83 12.59
N ALA A 86 5.40 -13.94 11.88
CA ALA A 86 4.40 -14.01 10.83
C ALA A 86 3.00 -13.75 11.38
N ASN A 87 2.73 -14.27 12.57
CA ASN A 87 1.43 -14.09 13.24
C ASN A 87 1.20 -12.65 13.69
N CYS A 88 2.28 -11.96 14.03
CA CYS A 88 2.23 -10.54 14.42
C CYS A 88 1.75 -9.68 13.26
N HIS A 89 2.30 -9.91 12.07
CA HIS A 89 1.95 -9.13 10.89
C HIS A 89 0.53 -9.43 10.40
N LEU A 90 0.10 -10.68 10.51
CA LEU A 90 -1.27 -11.06 10.14
C LEU A 90 -2.28 -10.42 11.08
N ASP A 91 -1.89 -10.23 12.33
CA ASP A 91 -2.77 -9.59 13.31
C ASP A 91 -2.89 -8.09 13.05
N LEU A 92 -1.81 -7.50 12.54
CA LEU A 92 -1.85 -6.11 12.09
C LEU A 92 -2.80 -5.96 10.90
N VAL A 93 -2.77 -6.93 9.98
CA VAL A 93 -3.71 -6.99 8.86
C VAL A 93 -5.15 -7.00 9.36
N ARG A 94 -5.41 -7.81 10.38
CA ARG A 94 -6.75 -7.92 10.98
C ARG A 94 -7.19 -6.60 11.61
N LYS A 95 -6.25 -5.94 12.30
CA LYS A 95 -6.50 -4.66 12.95
C LYS A 95 -6.73 -3.53 11.95
N LEU A 96 -5.97 -3.54 10.86
CA LEU A 96 -6.15 -2.59 9.77
C LEU A 96 -7.50 -2.80 9.07
N GLN A 97 -7.89 -4.06 8.93
CA GLN A 97 -9.18 -4.41 8.30
C GLN A 97 -10.38 -3.96 9.14
N GLU A 98 -10.22 -4.00 10.47
CA GLU A 98 -11.22 -3.46 11.39
C GLU A 98 -11.26 -1.94 11.30
N LEU A 99 -10.11 -1.33 11.05
CA LEU A 99 -9.99 0.10 10.87
C LEU A 99 -10.67 0.57 9.57
N ILE A 100 -10.50 -0.24 8.52
CA ILE A 100 -11.13 0.03 7.22
C ILE A 100 -12.66 0.04 7.37
N LYS A 101 -13.17 -0.86 8.21
CA LYS A 101 -14.61 -0.99 8.48
C LYS A 101 -15.21 0.25 9.14
N GLU A 102 -14.44 0.91 10.00
CA GLU A 102 -14.91 2.11 10.70
C GLU A 102 -14.70 3.38 9.88
N VAL A 103 -13.80 3.33 8.90
CA VAL A 103 -13.65 4.39 7.90
C VAL A 103 -14.85 4.34 6.96
N GLN A 104 -15.20 3.15 6.51
CA GLN A 104 -16.39 2.92 5.68
C GLN A 104 -17.67 3.32 6.40
N LYS A 105 -17.69 3.10 7.71
CA LYS A 105 -18.80 3.49 8.56
C LYS A 105 -18.90 5.01 8.64
N TYR A 106 -17.76 5.67 8.76
CA TYR A 106 -17.70 7.13 8.76
C TYR A 106 -18.08 7.71 7.40
N GLY A 107 -17.73 6.98 6.34
CA GLY A 107 -18.06 7.38 4.98
C GLY A 107 -19.54 7.40 4.69
N GLU A 108 -20.28 6.47 5.29
CA GLU A 108 -21.73 6.36 5.05
C GLU A 108 -22.58 7.23 5.98
N GLU A 109 -21.99 7.64 7.10
CA GLU A 109 -22.64 8.61 7.98
C GLU A 109 -22.26 10.05 7.61
N GLN A 110 -21.29 10.18 6.72
CA GLN A 110 -21.00 11.45 6.04
C GLN A 110 -22.12 11.78 5.06
N VAL A 111 -22.54 10.78 4.29
CA VAL A 111 -23.62 10.91 3.32
C VAL A 111 -24.92 11.39 3.99
N LYS A 112 -25.15 10.92 5.22
CA LYS A 112 -26.32 11.31 6.01
C LYS A 112 -26.22 12.77 6.48
N SER A 113 -25.05 13.15 6.97
CA SER A 113 -24.84 14.50 7.52
C SER A 113 -24.66 15.56 6.43
N HIS A 114 -24.30 15.13 5.23
CA HIS A 114 -24.19 16.02 4.08
C HIS A 114 -25.57 16.33 3.50
N LYS A 115 -26.47 15.35 3.59
CA LYS A 115 -27.84 15.49 3.13
C LYS A 115 -28.61 16.46 4.03
N LYS A 116 -28.36 16.38 5.34
CA LYS A 116 -28.99 17.25 6.32
C LYS A 116 -28.47 18.69 6.25
N THR A 117 -27.18 18.84 5.92
CA THR A 117 -26.59 20.16 5.75
C THR A 117 -27.18 20.86 4.52
N LYS A 118 -27.37 20.10 3.44
CA LYS A 118 -27.98 20.61 2.20
C LYS A 118 -29.36 21.21 2.47
N GLU A 119 -30.17 20.50 3.25
CA GLU A 119 -31.51 20.94 3.61
C GLU A 119 -31.51 22.13 4.57
N GLU A 120 -30.42 22.27 5.33
CA GLU A 120 -30.30 23.34 6.32
C GLU A 120 -29.79 24.66 5.72
N VAL A 121 -29.00 24.56 4.65
CA VAL A 121 -28.43 25.75 4.01
C VAL A 121 -29.24 26.21 2.79
N ALA A 122 -30.48 25.74 2.70
CA ALA A 122 -31.38 26.07 1.59
C ALA A 122 -31.74 27.56 1.54
N GLY A 123 -31.79 28.20 2.70
CA GLY A 123 -32.04 29.64 2.81
C GLY A 123 -30.88 30.47 2.28
N THR A 124 -29.67 29.97 2.46
CA THR A 124 -28.47 30.65 1.97
C THR A 124 -28.32 30.47 0.46
N LEU A 125 -28.83 29.34 -0.04
CA LEU A 125 -28.85 29.10 -1.48
C LEU A 125 -29.77 30.09 -2.19
N GLU A 126 -30.92 30.36 -1.58
CA GLU A 126 -31.86 31.37 -2.08
C GLU A 126 -31.24 32.76 -2.06
N ALA A 127 -30.60 33.11 -0.94
CA ALA A 127 -29.94 34.41 -0.78
C ALA A 127 -28.88 34.66 -1.85
N VAL A 128 -28.19 33.60 -2.27
CA VAL A 128 -27.16 33.70 -3.30
C VAL A 128 -27.78 33.95 -4.68
N GLN A 129 -28.76 33.13 -5.05
CA GLN A 129 -29.36 33.22 -6.39
C GLN A 129 -30.25 34.47 -6.58
N THR A 130 -30.76 35.02 -5.48
CA THR A 130 -31.53 36.27 -5.55
C THR A 130 -30.61 37.48 -5.71
N ILE A 131 -29.50 37.51 -4.98
CA ILE A 131 -28.51 38.60 -5.13
C ILE A 131 -27.85 38.56 -6.51
N GLN A 132 -27.66 37.35 -7.05
CA GLN A 132 -27.09 37.17 -8.39
C GLN A 132 -28.08 37.64 -9.46
N SER A 133 -29.37 37.40 -9.23
CA SER A 133 -30.43 37.81 -10.15
C SER A 133 -30.61 39.32 -10.14
N ILE A 134 -30.65 39.90 -8.94
CA ILE A 134 -30.87 41.34 -8.78
C ILE A 134 -29.68 42.19 -9.25
N THR A 135 -28.47 41.69 -9.08
CA THR A 135 -27.27 42.36 -9.57
C THR A 135 -27.28 42.46 -11.10
N GLN A 136 -27.78 41.41 -11.76
CA GLN A 136 -27.89 41.39 -13.22
C GLN A 136 -29.07 42.25 -13.69
N ALA A 137 -30.15 42.25 -12.91
CA ALA A 137 -31.33 43.06 -13.22
C ALA A 137 -31.08 44.55 -13.01
N LEU A 138 -30.28 44.88 -11.99
CA LEU A 138 -29.87 46.25 -11.71
C LEU A 138 -29.01 46.80 -12.84
N GLN A 139 -28.09 45.97 -13.34
CA GLN A 139 -27.24 46.33 -14.47
C GLN A 139 -28.06 46.56 -15.75
N LYS A 140 -29.07 45.73 -15.95
CA LYS A 140 -30.00 45.89 -17.07
C LYS A 140 -30.79 47.18 -16.97
N SER A 141 -31.20 47.53 -15.75
CA SER A 141 -31.94 48.77 -15.49
C SER A 141 -31.03 49.99 -15.54
N LYS A 142 -29.74 49.79 -15.27
CA LYS A 142 -28.74 50.84 -15.37
C LYS A 142 -28.49 51.21 -16.83
N GLU A 143 -28.31 50.19 -17.67
CA GLU A 143 -28.06 50.36 -19.09
C GLU A 143 -29.28 50.89 -19.85
N ASN A 144 -30.47 50.48 -19.39
CA ASN A 144 -31.73 50.96 -19.95
C ASN A 144 -31.97 52.44 -19.63
N TYR A 145 -31.65 52.82 -18.39
CA TYR A 145 -31.70 54.21 -17.94
C TYR A 145 -30.80 55.12 -18.79
N ASN A 146 -29.60 54.63 -19.09
CA ASN A 146 -28.64 55.36 -19.91
C ASN A 146 -29.01 55.38 -21.39
N ALA A 147 -29.72 54.34 -21.84
CA ALA A 147 -30.21 54.25 -23.22
C ALA A 147 -31.30 55.27 -23.48
N LYS A 148 -32.09 55.57 -22.46
CA LYS A 148 -33.14 56.59 -22.54
C LYS A 148 -32.55 57.99 -22.43
N CYS A 149 -31.42 58.11 -21.72
CA CYS A 149 -30.69 59.36 -21.61
C CYS A 149 -30.08 59.79 -22.95
N VAL A 150 -29.47 58.84 -23.65
CA VAL A 150 -28.88 59.09 -24.97
C VAL A 150 -29.95 59.45 -26.00
N GLU A 151 -31.05 58.72 -25.99
CA GLU A 151 -32.18 58.98 -26.89
C GLU A 151 -32.90 60.28 -26.54
N GLN A 152 -32.92 60.62 -25.25
CA GLN A 152 -33.44 61.90 -24.78
C GLN A 152 -32.61 63.05 -25.35
N GLU A 153 -31.29 62.94 -25.21
CA GLU A 153 -30.37 63.98 -25.65
C GLU A 153 -30.15 64.00 -27.17
N ARG A 154 -30.43 62.89 -27.84
CA ARG A 154 -30.34 62.83 -29.30
C ARG A 154 -31.46 63.64 -29.94
N LEU A 155 -32.68 63.49 -29.41
CA LEU A 155 -33.85 64.22 -29.91
C LEU A 155 -33.85 65.69 -29.46
N LYS A 156 -33.23 65.95 -28.31
CA LYS A 156 -33.20 67.29 -27.73
C LYS A 156 -32.22 68.23 -28.44
N LYS A 157 -31.03 67.72 -28.75
CA LYS A 157 -29.99 68.53 -29.40
C LYS A 157 -30.24 68.77 -30.88
N GLU A 158 -30.97 67.86 -31.52
CA GLU A 158 -31.27 67.95 -32.96
C GLU A 158 -32.46 68.86 -33.25
N GLY A 159 -33.45 68.84 -32.37
CA GLY A 159 -34.64 69.68 -32.53
C GLY A 159 -35.92 68.89 -32.67
N ALA A 160 -36.78 69.00 -31.66
CA ALA A 160 -38.07 68.30 -31.62
C ALA A 160 -39.10 69.08 -30.81
N THR A 161 -40.36 68.68 -30.91
CA THR A 161 -41.47 69.33 -30.20
C THR A 161 -41.37 69.03 -28.69
N GLN A 162 -41.75 70.01 -27.87
CA GLN A 162 -41.68 69.87 -26.41
C GLN A 162 -42.69 68.85 -25.87
N ARG A 163 -43.65 68.46 -26.70
CA ARG A 163 -44.63 67.42 -26.34
C ARG A 163 -44.01 66.03 -26.46
N GLU A 164 -43.26 65.79 -27.55
CA GLU A 164 -42.61 64.50 -27.79
C GLU A 164 -41.30 64.35 -27.01
N ILE A 165 -40.77 65.46 -26.51
CA ILE A 165 -39.60 65.44 -25.62
C ILE A 165 -40.05 65.10 -24.19
N GLU A 166 -41.21 65.62 -23.79
CA GLU A 166 -41.77 65.36 -22.47
C GLU A 166 -42.18 63.90 -22.29
N LYS A 167 -42.68 63.28 -23.36
CA LYS A 167 -43.05 61.86 -23.33
C LYS A 167 -41.82 60.95 -23.40
N ALA A 168 -40.72 61.49 -23.92
CA ALA A 168 -39.43 60.82 -23.90
C ALA A 168 -38.79 60.96 -22.51
N ALA A 169 -39.15 62.05 -21.82
CA ALA A 169 -38.70 62.30 -20.44
C ALA A 169 -39.45 61.40 -19.45
N VAL A 170 -40.70 61.08 -19.78
CA VAL A 170 -41.51 60.15 -18.99
C VAL A 170 -41.01 58.72 -19.19
N LYS A 171 -40.56 58.43 -20.41
CA LYS A 171 -39.91 57.15 -20.72
C LYS A 171 -38.55 57.03 -20.01
N SER A 172 -37.96 58.17 -19.67
CA SER A 172 -36.75 58.23 -18.85
C SER A 172 -37.11 58.17 -17.36
N LYS A 173 -38.29 58.68 -17.02
CA LYS A 173 -38.78 58.66 -15.63
C LYS A 173 -39.08 57.24 -15.17
N LYS A 174 -39.72 56.45 -16.02
CA LYS A 174 -40.02 55.05 -15.74
C LYS A 174 -38.74 54.21 -15.75
N ALA A 175 -37.77 54.63 -16.54
CA ALA A 175 -36.45 54.01 -16.58
C ALA A 175 -35.63 54.34 -15.33
N THR A 176 -35.85 55.54 -14.79
CA THR A 176 -35.20 55.98 -13.56
C THR A 176 -35.82 55.28 -12.34
N ASP A 177 -37.15 55.26 -12.29
CA ASP A 177 -37.88 54.68 -11.16
C ASP A 177 -37.59 53.20 -10.95
N THR A 178 -37.54 52.43 -12.04
CA THR A 178 -37.25 50.99 -11.98
C THR A 178 -35.79 50.71 -11.63
N TYR A 179 -34.90 51.56 -12.11
CA TYR A 179 -33.48 51.50 -11.74
C TYR A 179 -33.26 51.92 -10.29
N LYS A 180 -34.04 52.90 -9.84
CA LYS A 180 -34.01 53.35 -8.45
C LYS A 180 -34.53 52.27 -7.52
N LEU A 181 -35.49 51.48 -8.01
CA LEU A 181 -36.11 50.40 -7.23
C LEU A 181 -35.17 49.19 -7.11
N TYR A 182 -34.40 48.93 -8.17
CA TYR A 182 -33.43 47.83 -8.15
C TYR A 182 -32.22 48.13 -7.27
N VAL A 183 -31.89 49.42 -7.13
CA VAL A 183 -30.83 49.85 -6.21
C VAL A 183 -31.23 49.56 -4.77
N GLU A 184 -32.50 49.78 -4.45
CA GLU A 184 -33.06 49.46 -3.14
C GLU A 184 -33.21 47.95 -2.95
N LYS A 185 -33.53 47.25 -4.03
CA LYS A 185 -33.64 45.78 -4.02
C LYS A 185 -32.29 45.09 -3.84
N TYR A 186 -31.23 45.69 -4.40
CA TYR A 186 -29.88 45.18 -4.23
C TYR A 186 -29.41 45.31 -2.79
N ALA A 187 -29.62 46.49 -2.21
CA ALA A 187 -29.22 46.77 -0.82
C ALA A 187 -29.95 45.87 0.18
N LEU A 188 -31.16 45.44 -0.19
CA LEU A 188 -31.94 44.53 0.63
C LEU A 188 -31.45 43.09 0.48
N ALA A 189 -31.12 42.70 -0.75
CA ALA A 189 -30.61 41.36 -1.04
C ALA A 189 -29.15 41.20 -0.61
N LYS A 190 -28.42 42.31 -0.62
CA LYS A 190 -27.03 42.36 -0.18
C LYS A 190 -26.93 42.17 1.33
N ALA A 191 -27.86 42.80 2.06
CA ALA A 191 -27.92 42.68 3.51
C ALA A 191 -28.37 41.28 3.95
N ASP A 192 -29.23 40.67 3.14
CA ASP A 192 -29.71 39.31 3.42
C ASP A 192 -28.64 38.28 3.11
N PHE A 193 -27.95 38.46 1.99
CA PHE A 193 -26.86 37.57 1.57
C PHE A 193 -25.72 37.57 2.58
N GLU A 194 -25.27 38.76 2.99
CA GLU A 194 -24.16 38.89 3.94
C GLU A 194 -24.48 38.31 5.32
N GLN A 195 -25.74 38.42 5.73
CA GLN A 195 -26.19 37.87 7.02
C GLN A 195 -26.24 36.34 6.96
N LYS A 196 -26.72 35.81 5.83
CA LYS A 196 -26.85 34.37 5.65
C LYS A 196 -25.52 33.69 5.36
N MET A 197 -24.67 34.32 4.54
CA MET A 197 -23.38 33.76 4.17
C MET A 197 -22.41 33.68 5.34
N THR A 198 -22.42 34.71 6.18
CA THR A 198 -21.55 34.73 7.37
C THR A 198 -21.90 33.59 8.34
N GLU A 199 -23.20 33.29 8.46
CA GLU A 199 -23.67 32.18 9.29
C GLU A 199 -23.36 30.82 8.67
N THR A 200 -23.37 30.77 7.33
CA THR A 200 -23.18 29.53 6.59
C THR A 200 -21.71 29.20 6.32
N ALA A 201 -20.90 30.23 6.07
CA ALA A 201 -19.47 30.04 5.87
C ALA A 201 -18.82 29.47 7.12
N GLN A 202 -19.26 29.95 8.28
CA GLN A 202 -18.83 29.42 9.57
C GLN A 202 -19.36 27.99 9.77
N LYS A 203 -20.61 27.77 9.39
CA LYS A 203 -21.25 26.46 9.45
C LYS A 203 -20.39 25.42 8.73
N PHE A 204 -19.97 25.75 7.51
CA PHE A 204 -19.12 24.86 6.71
C PHE A 204 -17.76 24.62 7.35
N GLN A 205 -17.18 25.66 7.95
CA GLN A 205 -15.89 25.54 8.63
C GLN A 205 -15.97 24.59 9.81
N ASP A 206 -17.06 24.69 10.58
CA ASP A 206 -17.33 23.82 11.71
C ASP A 206 -17.49 22.37 11.28
N ILE A 207 -18.20 22.15 10.18
CA ILE A 207 -18.38 20.83 9.58
C ILE A 207 -17.03 20.27 9.14
N GLU A 208 -16.20 21.15 8.59
CA GLU A 208 -14.88 20.76 8.10
C GLU A 208 -13.91 20.45 9.24
N GLU A 209 -14.09 21.10 10.37
CA GLU A 209 -13.26 20.85 11.56
C GLU A 209 -13.63 19.51 12.20
N THR A 210 -14.93 19.25 12.35
CA THR A 210 -15.44 17.97 12.83
C THR A 210 -14.96 16.82 11.94
N HIS A 211 -14.94 17.07 10.63
CA HIS A 211 -14.46 16.13 9.63
C HIS A 211 -12.98 15.79 9.84
N LEU A 212 -12.16 16.82 9.96
CA LEU A 212 -10.71 16.65 10.08
C LEU A 212 -10.27 16.10 11.44
N ILE A 213 -11.09 16.33 12.46
CA ILE A 213 -10.85 15.77 13.80
C ILE A 213 -11.12 14.26 13.79
N HIS A 214 -12.23 13.86 13.20
CA HIS A 214 -12.61 12.45 13.11
C HIS A 214 -11.62 11.66 12.24
N ILE A 215 -11.18 12.28 11.15
CA ILE A 215 -10.19 11.69 10.25
C ILE A 215 -8.85 11.46 10.95
N LYS A 216 -8.38 12.45 11.70
CA LYS A 216 -7.11 12.34 12.44
C LYS A 216 -7.19 11.32 13.58
N GLU A 217 -8.41 11.09 14.08
CA GLU A 217 -8.64 10.06 15.10
C GLU A 217 -8.50 8.66 14.51
N ILE A 218 -8.94 8.51 13.26
CA ILE A 218 -8.79 7.27 12.51
C ILE A 218 -7.30 7.00 12.25
N ILE A 219 -6.58 8.02 11.80
CA ILE A 219 -5.12 7.94 11.61
C ILE A 219 -4.43 7.72 12.97
N GLY A 220 -5.05 8.20 14.03
CA GLY A 220 -4.61 7.92 15.40
C GLY A 220 -4.69 6.43 15.72
N SER A 221 -5.85 5.84 15.41
CA SER A 221 -6.07 4.39 15.58
C SER A 221 -5.18 3.57 14.64
N LEU A 222 -4.86 4.14 13.48
CA LEU A 222 -3.92 3.54 12.54
C LEU A 222 -2.53 3.48 13.17
N SER A 223 -2.09 4.60 13.75
CA SER A 223 -0.80 4.68 14.42
C SER A 223 -0.73 3.79 15.67
N ASN A 224 -1.88 3.60 16.32
CA ASN A 224 -1.96 2.79 17.53
C ASN A 224 -1.81 1.29 17.25
N ALA A 225 -2.44 0.84 16.18
CA ALA A 225 -2.36 -0.56 15.75
C ALA A 225 -0.95 -0.92 15.29
N ILE A 226 -0.32 -0.01 14.57
CA ILE A 226 1.05 -0.19 14.08
C ILE A 226 2.05 -0.22 15.23
N LYS A 227 1.86 0.67 16.20
CA LYS A 227 2.71 0.75 17.39
C LYS A 227 2.56 -0.49 18.27
N GLU A 228 1.33 -0.95 18.44
CA GLU A 228 1.02 -2.12 19.26
C GLU A 228 1.69 -3.39 18.71
N ILE A 229 1.55 -3.59 17.39
CA ILE A 229 2.20 -4.71 16.70
C ILE A 229 3.73 -4.54 16.65
N HIS A 230 4.19 -3.30 16.55
CA HIS A 230 5.61 -2.98 16.59
C HIS A 230 6.24 -3.38 17.92
N LEU A 231 5.48 -3.19 19.01
CA LEU A 231 5.91 -3.59 20.34
C LEU A 231 5.97 -5.11 20.45
N GLN A 232 4.97 -5.79 19.87
CA GLN A 232 4.90 -7.24 19.83
C GLN A 232 6.05 -7.84 19.02
N ILE A 233 6.36 -7.22 17.90
CA ILE A 233 7.47 -7.63 17.02
C ILE A 233 8.80 -7.55 17.77
N GLY A 234 9.01 -6.48 18.52
CA GLY A 234 10.20 -6.31 19.34
C GLY A 234 10.35 -7.35 20.42
N GLN A 235 9.22 -7.87 20.90
CA GLN A 235 9.20 -8.90 21.92
C GLN A 235 9.51 -10.28 21.34
N VAL A 236 9.18 -10.48 20.07
CA VAL A 236 9.51 -11.71 19.36
C VAL A 236 11.02 -11.76 19.12
N HIS A 237 11.60 -10.62 18.76
CA HIS A 237 13.05 -10.52 18.54
C HIS A 237 13.83 -10.81 19.82
N GLU A 238 13.36 -10.26 20.94
CA GLU A 238 14.01 -10.45 22.23
C GLU A 238 13.89 -11.88 22.75
N GLU A 239 12.74 -12.50 22.49
CA GLU A 239 12.51 -13.90 22.83
C GLU A 239 13.45 -14.80 22.04
N PHE A 240 13.66 -14.48 20.77
CA PHE A 240 14.59 -15.21 19.92
C PHE A 240 16.04 -15.06 20.41
N ILE A 241 16.41 -13.85 20.81
CA ILE A 241 17.76 -13.57 21.31
C ILE A 241 18.12 -14.44 22.51
N ASN A 242 17.26 -14.43 23.53
CA ASN A 242 17.54 -15.21 24.75
C ASN A 242 17.30 -16.71 24.61
N ASN A 243 16.47 -17.11 23.64
CA ASN A 243 16.32 -18.53 23.28
C ASN A 243 17.59 -19.06 22.63
N MET A 244 18.28 -18.19 21.90
CA MET A 244 19.59 -18.51 21.33
C MET A 244 20.66 -18.55 22.43
N ALA A 245 20.49 -17.71 23.45
CA ALA A 245 21.38 -17.70 24.60
C ALA A 245 21.21 -18.95 25.45
N ASN A 246 19.96 -19.38 25.61
CA ASN A 246 19.62 -20.60 26.36
C ASN A 246 20.03 -21.86 25.61
N THR A 247 20.00 -21.82 24.28
CA THR A 247 20.52 -22.91 23.46
C THR A 247 22.04 -22.78 23.41
N THR A 248 22.69 -23.34 24.43
CA THR A 248 24.14 -23.26 24.59
C THR A 248 24.85 -24.39 23.82
N VAL A 249 26.14 -24.18 23.56
CA VAL A 249 26.99 -25.16 22.89
C VAL A 249 27.06 -26.46 23.68
N GLU A 250 27.14 -26.32 25.00
CA GLU A 250 27.16 -27.45 25.94
C GLU A 250 25.96 -28.38 25.74
N SER A 251 24.77 -27.79 25.62
CA SER A 251 23.52 -28.56 25.48
C SER A 251 23.37 -29.20 24.10
N LEU A 252 23.93 -28.56 23.08
CA LEU A 252 23.85 -29.06 21.70
C LEU A 252 24.72 -30.31 21.51
N ILE A 253 25.90 -30.31 22.12
CA ILE A 253 26.79 -31.45 22.12
C ILE A 253 26.24 -32.56 23.02
N GLN A 254 25.67 -32.16 24.17
CA GLN A 254 25.01 -33.08 25.09
C GLN A 254 23.95 -33.91 24.39
N LYS A 255 23.08 -33.25 23.63
CA LYS A 255 21.94 -33.89 22.98
C LYS A 255 22.34 -34.74 21.77
N PHE A 256 23.43 -34.36 21.11
CA PHE A 256 23.93 -35.13 19.96
C PHE A 256 24.57 -36.44 20.39
N ALA A 257 25.35 -36.40 21.47
CA ALA A 257 26.02 -37.58 22.01
C ALA A 257 25.02 -38.60 22.57
N GLU A 258 23.98 -38.10 23.24
CA GLU A 258 22.96 -38.95 23.85
C GLU A 258 22.07 -39.66 22.83
N SER A 259 21.83 -39.01 21.69
CA SER A 259 20.93 -39.54 20.67
C SER A 259 21.66 -40.27 19.54
N LYS A 260 22.82 -39.75 19.13
CA LYS A 260 23.57 -40.32 18.02
C LYS A 260 24.93 -40.93 18.43
N GLY A 261 25.08 -41.24 19.71
CA GLY A 261 26.27 -41.90 20.22
C GLY A 261 26.27 -43.39 19.89
N THR A 262 27.42 -43.89 19.46
CA THR A 262 27.56 -45.30 19.04
C THR A 262 27.50 -46.28 20.21
N GLY A 263 28.21 -45.94 21.29
CA GLY A 263 28.23 -46.79 22.49
C GLY A 263 29.16 -46.27 23.56
N LYS A 264 28.77 -46.49 24.82
CA LYS A 264 29.55 -46.04 25.97
C LYS A 264 30.74 -46.97 26.27
N GLU A 265 30.48 -48.28 26.27
CA GLU A 265 31.49 -49.26 26.65
C GLU A 265 32.51 -49.53 25.53
N ARG A 266 33.78 -49.38 25.89
CA ARG A 266 34.90 -49.59 24.97
C ARG A 266 35.06 -51.08 24.65
N PRO A 267 35.69 -51.42 23.50
CA PRO A 267 35.89 -52.82 23.11
C PRO A 267 36.57 -53.65 24.19
N GLY A 268 36.09 -54.87 24.38
CA GLY A 268 36.56 -55.75 25.47
C GLY A 268 37.96 -56.29 25.30
N LEU A 269 38.51 -56.83 26.38
CA LEU A 269 39.83 -57.43 26.38
C LEU A 269 39.71 -58.94 26.17
N ILE A 270 40.35 -59.43 25.10
CA ILE A 270 40.32 -60.85 24.76
C ILE A 270 41.66 -61.52 25.09
N GLU A 271 41.60 -62.64 25.79
CA GLU A 271 42.79 -63.39 26.21
C GLU A 271 42.91 -64.74 25.50
N PHE A 272 43.93 -65.51 25.86
CA PHE A 272 44.15 -66.84 25.33
C PHE A 272 43.07 -67.80 25.81
N GLU A 273 42.46 -68.51 24.86
CA GLU A 273 41.37 -69.44 25.15
C GLU A 273 41.81 -70.89 25.02
N GLU A 274 41.37 -71.73 25.96
CA GLU A 274 41.66 -73.16 25.93
C GLU A 274 40.82 -73.89 24.89
N CYS A 275 41.28 -75.09 24.51
CA CYS A 275 40.67 -75.86 23.42
C CYS A 275 39.26 -76.37 23.72
N ASP A 276 39.02 -76.71 24.99
CA ASP A 276 37.71 -77.20 25.47
C ASP A 276 37.33 -78.57 24.91
N MET B 5 32.99 -30.63 29.99
CA MET B 5 32.98 -32.12 30.03
C MET B 5 33.39 -32.71 28.68
N ALA B 6 33.36 -34.04 28.58
CA ALA B 6 33.74 -34.74 27.35
C ALA B 6 32.70 -35.79 26.95
N TYR B 7 31.69 -35.35 26.21
CA TYR B 7 30.61 -36.23 25.77
C TYR B 7 31.01 -37.08 24.57
N PHE B 8 31.87 -36.53 23.71
CA PHE B 8 32.34 -37.21 22.51
C PHE B 8 33.27 -38.39 22.82
N VAL B 9 34.11 -38.21 23.85
CA VAL B 9 35.02 -39.26 24.31
C VAL B 9 34.25 -40.41 24.96
N GLU B 10 33.33 -40.08 25.86
CA GLU B 10 32.60 -41.07 26.65
C GLU B 10 31.57 -41.88 25.86
N ASN B 11 30.94 -41.26 24.87
CA ASN B 11 29.76 -41.84 24.23
C ASN B 11 29.93 -42.27 22.76
N PHE B 12 31.17 -42.33 22.29
CA PHE B 12 31.45 -42.76 20.92
C PHE B 12 32.48 -43.90 20.82
N TRP B 13 32.08 -45.07 21.30
CA TRP B 13 32.90 -46.27 21.21
C TRP B 13 32.16 -47.39 20.47
N GLY B 14 31.33 -48.13 21.20
CA GLY B 14 30.53 -49.22 20.62
C GLY B 14 31.35 -50.46 20.27
N GLU B 15 30.64 -51.53 19.91
CA GLU B 15 31.27 -52.80 19.55
C GLU B 15 31.90 -52.76 18.15
N LYS B 16 31.16 -52.19 17.19
CA LYS B 16 31.60 -52.14 15.79
C LYS B 16 32.59 -51.00 15.53
N ASN B 17 32.78 -50.15 16.55
CA ASN B 17 33.67 -48.98 16.48
C ASN B 17 33.39 -48.05 15.31
N SER B 18 32.13 -47.62 15.22
CA SER B 18 31.69 -46.66 14.20
C SER B 18 32.03 -45.22 14.61
N GLY B 19 32.52 -45.07 15.84
CA GLY B 19 32.84 -43.78 16.45
C GLY B 19 33.52 -42.76 15.54
N PHE B 20 34.62 -43.15 14.92
CA PHE B 20 35.38 -42.25 14.04
C PHE B 20 34.58 -41.85 12.80
N ASP B 21 33.93 -42.83 12.18
CA ASP B 21 33.17 -42.62 10.95
C ASP B 21 31.96 -41.70 11.16
N VAL B 22 31.33 -41.83 12.32
CA VAL B 22 30.18 -41.00 12.69
C VAL B 22 30.60 -39.56 12.99
N LEU B 23 31.66 -39.40 13.79
CA LEU B 23 32.13 -38.08 14.20
C LEU B 23 32.75 -37.26 13.07
N TYR B 24 33.38 -37.94 12.11
CA TYR B 24 33.98 -37.27 10.95
C TYR B 24 32.89 -36.77 9.99
N HIS B 25 31.90 -37.61 9.73
CA HIS B 25 30.77 -37.25 8.88
C HIS B 25 29.90 -36.16 9.51
N ASN B 26 29.82 -36.15 10.84
CA ASN B 26 29.11 -35.10 11.57
C ASN B 26 29.81 -33.75 11.48
N MET B 27 31.13 -33.78 11.41
CA MET B 27 31.92 -32.57 11.17
C MET B 27 31.59 -32.01 9.79
N LYS B 28 31.52 -32.90 8.79
CA LYS B 28 31.13 -32.55 7.43
C LYS B 28 29.71 -31.99 7.31
N HIS B 29 28.83 -32.41 8.22
CA HIS B 29 27.46 -31.92 8.26
C HIS B 29 27.38 -30.48 8.80
N GLY B 30 28.48 -30.02 9.40
CA GLY B 30 28.61 -28.63 9.86
C GLY B 30 28.63 -27.65 8.70
N GLN B 31 28.99 -28.15 7.51
CA GLN B 31 28.97 -27.36 6.29
C GLN B 31 27.55 -27.17 5.78
N ILE B 32 26.70 -28.18 5.99
CA ILE B 32 25.29 -28.12 5.61
C ILE B 32 24.57 -27.04 6.43
N SER B 33 24.85 -27.01 7.73
CA SER B 33 24.28 -26.02 8.65
C SER B 33 24.61 -24.59 8.22
N THR B 34 25.79 -24.41 7.63
CA THR B 34 26.22 -23.10 7.14
C THR B 34 25.48 -22.70 5.85
N LYS B 35 25.29 -23.67 4.95
CA LYS B 35 24.54 -23.44 3.71
C LYS B 35 23.07 -23.10 3.99
N GLU B 36 22.47 -23.81 4.94
CA GLU B 36 21.07 -23.61 5.30
C GLU B 36 20.85 -22.29 6.03
N LEU B 37 21.89 -21.80 6.70
CA LEU B 37 21.87 -20.49 7.34
C LEU B 37 21.89 -19.38 6.28
N ALA B 38 22.67 -19.60 5.22
CA ALA B 38 22.73 -18.67 4.09
C ALA B 38 21.39 -18.62 3.36
N ASP B 39 20.77 -19.79 3.17
CA ASP B 39 19.47 -19.90 2.50
C ASP B 39 18.35 -19.22 3.28
N PHE B 40 18.48 -19.21 4.60
CA PHE B 40 17.49 -18.58 5.48
C PHE B 40 17.58 -17.06 5.42
N VAL B 41 18.79 -16.52 5.54
CA VAL B 41 19.03 -15.07 5.48
C VAL B 41 18.67 -14.52 4.09
N ARG B 42 18.99 -15.28 3.05
CA ARG B 42 18.67 -14.90 1.67
C ARG B 42 17.15 -14.81 1.45
N GLU B 43 16.41 -15.78 1.97
CA GLU B 43 14.96 -15.82 1.84
C GLU B 43 14.31 -14.70 2.66
N ARG B 44 14.88 -14.40 3.83
CA ARG B 44 14.43 -13.31 4.68
C ARG B 44 14.66 -11.95 4.02
N ALA B 45 15.78 -11.81 3.32
CA ALA B 45 16.12 -10.59 2.58
C ALA B 45 15.18 -10.38 1.39
N THR B 46 14.79 -11.48 0.76
CA THR B 46 13.85 -11.46 -0.35
C THR B 46 12.47 -10.94 0.11
N ILE B 47 12.04 -11.39 1.28
CA ILE B 47 10.78 -10.96 1.88
C ILE B 47 10.86 -9.48 2.28
N GLU B 48 12.02 -9.08 2.78
CA GLU B 48 12.23 -7.72 3.28
C GLU B 48 12.35 -6.71 2.13
N GLU B 49 12.83 -7.16 0.98
CA GLU B 49 12.96 -6.30 -0.20
C GLU B 49 11.63 -6.14 -0.93
N ALA B 50 10.86 -7.23 -1.02
CA ALA B 50 9.54 -7.20 -1.63
C ALA B 50 8.64 -6.23 -0.86
N TYR B 51 8.71 -6.32 0.47
CA TYR B 51 7.98 -5.42 1.37
C TYR B 51 8.40 -3.98 1.14
N SER B 52 9.72 -3.76 1.05
CA SER B 52 10.29 -2.43 0.87
C SER B 52 9.84 -1.79 -0.45
N ARG B 53 9.92 -2.56 -1.54
CA ARG B 53 9.53 -2.08 -2.87
C ARG B 53 8.02 -1.89 -3.01
N SER B 54 7.25 -2.62 -2.19
CA SER B 54 5.81 -2.41 -2.10
C SER B 54 5.47 -1.15 -1.33
N MET B 55 6.25 -0.87 -0.28
CA MET B 55 6.06 0.33 0.53
C MET B 55 6.43 1.60 -0.22
N THR B 56 7.52 1.53 -1.00
CA THR B 56 7.94 2.61 -1.89
C THR B 56 6.82 2.93 -2.88
N LYS B 57 6.21 1.88 -3.43
CA LYS B 57 5.08 2.02 -4.35
C LYS B 57 3.86 2.62 -3.66
N LEU B 58 3.64 2.25 -2.39
CA LEU B 58 2.57 2.82 -1.57
C LEU B 58 2.82 4.29 -1.25
N ALA B 59 4.08 4.62 -0.99
CA ALA B 59 4.49 5.99 -0.67
C ALA B 59 4.24 6.94 -1.83
N LYS B 60 4.56 6.48 -3.04
CA LYS B 60 4.39 7.26 -4.25
C LYS B 60 2.92 7.40 -4.66
N SER B 61 2.11 6.39 -4.33
CA SER B 61 0.68 6.45 -4.60
C SER B 61 -0.04 7.43 -3.67
N ALA B 62 0.58 7.71 -2.53
CA ALA B 62 0.02 8.66 -1.56
C ALA B 62 -0.04 10.08 -2.11
N SER B 63 0.88 10.41 -3.01
CA SER B 63 0.92 11.73 -3.64
C SER B 63 -0.02 11.85 -4.84
N ASN B 64 -0.45 10.71 -5.37
CA ASN B 64 -1.34 10.69 -6.53
C ASN B 64 -2.82 10.56 -6.17
N TYR B 65 -3.17 10.99 -4.95
CA TYR B 65 -4.56 11.09 -4.54
C TYR B 65 -5.10 12.45 -4.92
N SER B 66 -6.39 12.67 -4.66
CA SER B 66 -7.08 13.87 -5.11
C SER B 66 -6.60 15.15 -4.43
N GLN B 67 -6.54 16.22 -5.22
CA GLN B 67 -6.21 17.56 -4.74
C GLN B 67 -7.38 18.19 -3.99
N LEU B 68 -8.56 17.63 -4.19
CA LEU B 68 -9.80 18.16 -3.60
C LEU B 68 -9.92 17.80 -2.14
N GLY B 69 -10.55 18.70 -1.38
CA GLY B 69 -10.76 18.49 0.05
C GLY B 69 -9.75 19.21 0.90
N THR B 70 -10.14 19.52 2.13
CA THR B 70 -9.29 20.19 3.10
C THR B 70 -8.20 19.24 3.60
N PHE B 71 -8.48 17.94 3.52
CA PHE B 71 -7.56 16.89 3.96
C PHE B 71 -6.35 16.73 3.04
N ALA B 72 -6.50 17.13 1.78
CA ALA B 72 -5.47 16.94 0.74
C ALA B 72 -4.00 17.06 1.18
N PRO B 73 -3.60 18.17 1.86
CA PRO B 73 -2.19 18.32 2.27
C PRO B 73 -1.65 17.24 3.21
N VAL B 74 -2.54 16.53 3.92
CA VAL B 74 -2.15 15.49 4.87
C VAL B 74 -1.47 14.29 4.18
N TRP B 75 -1.73 14.15 2.88
CA TRP B 75 -1.14 13.06 2.10
C TRP B 75 0.38 13.10 2.01
N ASP B 76 0.96 14.31 2.11
CA ASP B 76 2.42 14.46 2.07
C ASP B 76 3.07 13.85 3.30
N VAL B 77 2.36 13.94 4.44
CA VAL B 77 2.80 13.33 5.69
C VAL B 77 2.89 11.81 5.53
N PHE B 78 1.87 11.22 4.91
CA PHE B 78 1.88 9.80 4.55
C PHE B 78 3.02 9.46 3.59
N LYS B 79 3.23 10.31 2.59
CA LYS B 79 4.24 10.09 1.56
C LYS B 79 5.67 10.05 2.12
N THR B 80 6.00 11.02 2.97
CA THR B 80 7.35 11.11 3.53
C THR B 80 7.63 10.02 4.56
N SER B 81 6.64 9.69 5.39
CA SER B 81 6.78 8.64 6.40
C SER B 81 6.87 7.25 5.79
N THR B 82 6.00 6.98 4.79
CA THR B 82 5.99 5.70 4.09
C THR B 82 7.25 5.49 3.26
N GLU B 83 7.83 6.60 2.76
CA GLU B 83 9.13 6.54 2.08
C GLU B 83 10.23 6.13 3.03
N LYS B 84 10.22 6.71 4.23
CA LYS B 84 11.24 6.43 5.24
C LYS B 84 11.15 4.99 5.76
N LEU B 85 9.93 4.51 5.95
CA LEU B 85 9.70 3.11 6.31
C LEU B 85 10.26 2.16 5.26
N ALA B 86 9.98 2.47 3.99
CA ALA B 86 10.46 1.66 2.87
C ALA B 86 11.98 1.59 2.85
N ASN B 87 12.64 2.71 3.15
CA ASN B 87 14.10 2.78 3.15
C ASN B 87 14.75 2.03 4.30
N CYS B 88 14.05 1.97 5.44
CA CYS B 88 14.49 1.20 6.60
C CYS B 88 14.59 -0.28 6.29
N HIS B 89 13.58 -0.79 5.58
CA HIS B 89 13.53 -2.20 5.20
C HIS B 89 14.55 -2.56 4.11
N LEU B 90 14.84 -1.62 3.21
CA LEU B 90 15.86 -1.80 2.20
C LEU B 90 17.26 -1.76 2.81
N ASP B 91 17.42 -0.97 3.87
CA ASP B 91 18.69 -0.88 4.58
C ASP B 91 19.00 -2.19 5.30
N LEU B 92 17.96 -2.87 5.78
CA LEU B 92 18.09 -4.19 6.39
C LEU B 92 18.46 -5.22 5.33
N VAL B 93 17.85 -5.12 4.15
CA VAL B 93 18.18 -5.99 3.02
C VAL B 93 19.67 -5.94 2.71
N ARG B 94 20.22 -4.71 2.67
CA ARG B 94 21.65 -4.49 2.43
C ARG B 94 22.52 -5.09 3.53
N LYS B 95 22.04 -5.03 4.77
CA LYS B 95 22.76 -5.58 5.92
C LYS B 95 22.71 -7.11 5.95
N LEU B 96 21.59 -7.68 5.54
CA LEU B 96 21.44 -9.13 5.43
C LEU B 96 22.26 -9.69 4.29
N GLN B 97 22.41 -8.91 3.22
CA GLN B 97 23.24 -9.30 2.08
C GLN B 97 24.73 -9.28 2.44
N GLU B 98 25.07 -8.51 3.46
CA GLU B 98 26.44 -8.49 3.99
C GLU B 98 26.71 -9.71 4.88
N LEU B 99 25.65 -10.24 5.48
CA LEU B 99 25.75 -11.46 6.28
C LEU B 99 25.91 -12.70 5.41
N ILE B 100 25.14 -12.78 4.33
CA ILE B 100 25.25 -13.87 3.36
C ILE B 100 26.69 -13.99 2.84
N LYS B 101 27.36 -12.85 2.74
CA LYS B 101 28.75 -12.80 2.28
C LYS B 101 29.72 -13.41 3.30
N GLU B 102 29.56 -13.07 4.58
CA GLU B 102 30.44 -13.60 5.62
C GLU B 102 30.11 -15.04 6.02
N VAL B 103 28.86 -15.45 5.82
CA VAL B 103 28.43 -16.83 6.04
C VAL B 103 29.07 -17.75 5.00
N GLN B 104 29.03 -17.34 3.74
CA GLN B 104 29.63 -18.09 2.65
C GLN B 104 31.16 -17.99 2.66
N LYS B 105 31.69 -16.94 3.28
CA LYS B 105 33.13 -16.81 3.49
C LYS B 105 33.59 -17.74 4.62
N TYR B 106 32.73 -17.91 5.61
CA TYR B 106 32.95 -18.88 6.70
C TYR B 106 32.74 -20.30 6.18
N GLY B 107 31.80 -20.46 5.25
CA GLY B 107 31.49 -21.75 4.64
C GLY B 107 32.63 -22.29 3.78
N GLU B 108 33.31 -21.40 3.07
CA GLU B 108 34.42 -21.80 2.19
C GLU B 108 35.73 -22.02 2.94
N GLU B 109 35.88 -21.38 4.10
CA GLU B 109 37.06 -21.60 4.95
C GLU B 109 36.86 -22.78 5.90
N GLN B 110 35.62 -23.25 6.01
CA GLN B 110 35.31 -24.51 6.68
C GLN B 110 35.85 -25.67 5.88
N VAL B 111 35.69 -25.61 4.55
CA VAL B 111 36.21 -26.63 3.64
C VAL B 111 37.73 -26.78 3.77
N LYS B 112 38.39 -25.65 4.03
CA LYS B 112 39.85 -25.61 4.21
C LYS B 112 40.30 -26.31 5.49
N SER B 113 39.64 -26.01 6.61
CA SER B 113 40.00 -26.58 7.91
C SER B 113 39.55 -28.04 8.06
N HIS B 114 38.47 -28.41 7.38
CA HIS B 114 37.94 -29.77 7.40
C HIS B 114 38.87 -30.77 6.72
N LYS B 115 39.41 -30.36 5.57
CA LYS B 115 40.40 -31.19 4.84
C LYS B 115 41.72 -31.29 5.60
N LYS B 116 42.06 -30.23 6.34
CA LYS B 116 43.25 -30.22 7.18
C LYS B 116 43.07 -31.18 8.35
N THR B 117 41.88 -31.18 8.95
CA THR B 117 41.56 -32.08 10.07
C THR B 117 41.57 -33.55 9.64
N LYS B 118 41.09 -33.81 8.42
CA LYS B 118 41.12 -35.14 7.82
C LYS B 118 42.55 -35.69 7.77
N GLU B 119 43.48 -34.84 7.33
CA GLU B 119 44.88 -35.21 7.22
C GLU B 119 45.59 -35.22 8.57
N GLU B 120 45.01 -34.51 9.54
CA GLU B 120 45.56 -34.47 10.90
C GLU B 120 45.30 -35.75 11.69
N VAL B 121 44.13 -36.36 11.47
CA VAL B 121 43.77 -37.61 12.14
C VAL B 121 43.46 -38.74 11.15
N ALA B 122 44.42 -39.02 10.27
CA ALA B 122 44.34 -40.15 9.36
C ALA B 122 44.86 -41.42 10.03
N GLY B 123 45.69 -41.24 11.06
CA GLY B 123 46.24 -42.34 11.84
C GLY B 123 45.20 -43.05 12.69
N THR B 124 44.20 -42.30 13.14
CA THR B 124 43.07 -42.84 13.90
C THR B 124 42.14 -43.64 13.00
N LEU B 125 42.06 -43.22 11.73
CA LEU B 125 41.32 -43.97 10.71
C LEU B 125 41.99 -45.32 10.45
N GLU B 126 43.32 -45.30 10.42
CA GLU B 126 44.12 -46.52 10.28
C GLU B 126 43.93 -47.45 11.47
N ALA B 127 43.85 -46.87 12.67
CA ALA B 127 43.65 -47.61 13.91
C ALA B 127 42.32 -48.36 13.95
N VAL B 128 41.30 -47.81 13.28
CA VAL B 128 39.99 -48.45 13.16
C VAL B 128 40.07 -49.60 12.14
N GLN B 129 40.83 -49.39 11.07
CA GLN B 129 41.07 -50.42 10.05
C GLN B 129 41.96 -51.53 10.58
N THR B 130 42.87 -51.17 11.49
CA THR B 130 43.82 -52.12 12.08
C THR B 130 43.12 -53.09 13.03
N ILE B 131 42.37 -52.56 14.01
CA ILE B 131 41.68 -53.39 15.00
C ILE B 131 40.60 -54.27 14.39
N GLN B 132 40.00 -53.82 13.29
CA GLN B 132 38.99 -54.59 12.58
C GLN B 132 39.63 -55.71 11.77
N SER B 133 40.82 -55.43 11.24
CA SER B 133 41.59 -56.43 10.49
C SER B 133 42.16 -57.51 11.42
N ILE B 134 42.55 -57.10 12.62
CA ILE B 134 43.14 -58.02 13.60
C ILE B 134 42.07 -58.88 14.29
N THR B 135 41.00 -58.26 14.77
CA THR B 135 39.91 -58.98 15.46
C THR B 135 39.30 -60.07 14.58
N GLN B 136 39.20 -59.80 13.28
CA GLN B 136 38.75 -60.79 12.31
C GLN B 136 39.78 -61.92 12.17
N ALA B 137 41.06 -61.55 12.12
CA ALA B 137 42.16 -62.52 12.03
C ALA B 137 42.35 -63.28 13.34
N LEU B 138 42.03 -62.63 14.46
CA LEU B 138 42.06 -63.25 15.79
C LEU B 138 40.92 -64.27 15.92
N GLN B 139 39.77 -63.96 15.32
CA GLN B 139 38.65 -64.89 15.26
C GLN B 139 38.93 -66.02 14.27
N LYS B 140 39.64 -65.71 13.20
CA LYS B 140 40.07 -66.70 12.21
C LYS B 140 41.04 -67.71 12.83
N SER B 141 41.97 -67.21 13.66
CA SER B 141 42.94 -68.06 14.35
C SER B 141 42.31 -68.80 15.53
N LYS B 142 41.31 -68.19 16.16
CA LYS B 142 40.57 -68.81 17.27
C LYS B 142 39.78 -70.02 16.78
N GLU B 143 39.12 -69.87 15.63
CA GLU B 143 38.39 -70.96 14.98
C GLU B 143 39.35 -72.03 14.45
N ASN B 144 40.52 -71.59 13.99
CA ASN B 144 41.56 -72.49 13.46
C ASN B 144 42.22 -73.32 14.56
N TYR B 145 42.73 -72.64 15.59
CA TYR B 145 43.39 -73.29 16.73
C TYR B 145 42.48 -74.29 17.45
N ASN B 146 41.21 -73.93 17.59
CA ASN B 146 40.22 -74.83 18.17
C ASN B 146 39.91 -76.04 17.27
N ALA B 147 39.92 -75.81 15.96
CA ALA B 147 39.71 -76.88 14.98
C ALA B 147 40.89 -77.85 14.93
N LYS B 148 42.08 -77.34 15.20
CA LYS B 148 43.28 -78.17 15.32
C LYS B 148 43.23 -78.99 16.61
N CYS B 149 42.55 -78.45 17.62
CA CYS B 149 42.31 -79.16 18.88
C CYS B 149 41.11 -80.10 18.80
N VAL B 150 40.17 -79.78 17.89
CA VAL B 150 39.05 -80.68 17.58
C VAL B 150 39.59 -81.89 16.80
N GLU B 151 40.53 -81.64 15.89
CA GLU B 151 41.21 -82.70 15.13
C GLU B 151 42.15 -83.50 16.03
N GLN B 152 42.76 -82.83 17.01
CA GLN B 152 43.59 -83.49 18.01
C GLN B 152 42.76 -84.44 18.87
N GLU B 153 41.54 -84.01 19.21
CA GLU B 153 40.60 -84.82 19.98
C GLU B 153 39.98 -85.94 19.13
N ARG B 154 39.66 -85.62 17.87
CA ARG B 154 39.03 -86.57 16.95
C ARG B 154 39.93 -87.76 16.61
N LEU B 155 41.22 -87.48 16.39
CA LEU B 155 42.18 -88.52 16.04
C LEU B 155 42.64 -89.35 17.25
N LYS B 156 42.54 -88.76 18.44
CA LYS B 156 42.85 -89.46 19.69
C LYS B 156 41.72 -90.42 20.10
N LYS B 157 40.47 -89.96 19.95
CA LYS B 157 39.29 -90.76 20.28
C LYS B 157 39.13 -91.97 19.36
N GLU B 158 39.62 -91.84 18.13
CA GLU B 158 39.59 -92.94 17.16
C GLU B 158 40.85 -93.80 17.24
N GLY B 159 41.97 -93.19 17.61
CA GLY B 159 43.25 -93.88 17.74
C GLY B 159 44.03 -93.90 16.44
N ALA B 160 45.30 -93.49 16.52
CA ALA B 160 46.17 -93.40 15.35
C ALA B 160 47.64 -93.73 15.67
N THR B 161 48.54 -93.37 14.76
CA THR B 161 49.98 -93.63 14.91
C THR B 161 50.66 -92.51 15.70
N GLN B 162 51.76 -92.85 16.38
CA GLN B 162 52.53 -91.89 17.19
C GLN B 162 53.16 -90.77 16.36
N ARG B 163 53.50 -91.08 15.11
CA ARG B 163 54.09 -90.10 14.20
C ARG B 163 53.05 -89.10 13.68
N GLU B 164 51.79 -89.55 13.60
CA GLU B 164 50.67 -88.68 13.24
C GLU B 164 50.32 -87.72 14.39
N ILE B 165 50.61 -88.16 15.61
CA ILE B 165 50.41 -87.34 16.81
C ILE B 165 51.43 -86.18 16.84
N GLU B 166 52.67 -86.48 16.44
CA GLU B 166 53.72 -85.46 16.32
C GLU B 166 53.38 -84.40 15.29
N LYS B 167 52.76 -84.84 14.19
CA LYS B 167 52.33 -83.95 13.11
C LYS B 167 51.15 -83.07 13.52
N ALA B 168 50.21 -83.66 14.27
CA ALA B 168 49.05 -82.93 14.78
C ALA B 168 49.42 -81.99 15.92
N ALA B 169 50.45 -82.37 16.68
CA ALA B 169 50.95 -81.55 17.77
C ALA B 169 51.74 -80.34 17.27
N VAL B 170 52.50 -80.53 16.20
CA VAL B 170 53.29 -79.45 15.59
C VAL B 170 52.40 -78.49 14.78
N LYS B 171 51.27 -78.99 14.29
CA LYS B 171 50.26 -78.17 13.62
C LYS B 171 49.48 -77.33 14.64
N SER B 172 49.23 -77.92 15.81
CA SER B 172 48.57 -77.22 16.91
C SER B 172 49.53 -76.25 17.60
N LYS B 173 50.82 -76.56 17.57
CA LYS B 173 51.86 -75.70 18.12
C LYS B 173 51.97 -74.39 17.34
N LYS B 174 51.99 -74.49 16.01
CA LYS B 174 52.05 -73.31 15.15
C LYS B 174 50.70 -72.58 15.11
N ALA B 175 49.62 -73.31 15.37
CA ALA B 175 48.30 -72.72 15.53
C ALA B 175 48.21 -71.92 16.83
N THR B 176 48.98 -72.35 17.83
CA THR B 176 49.10 -71.64 19.10
C THR B 176 50.01 -70.42 18.93
N ASP B 177 51.13 -70.61 18.23
CA ASP B 177 52.12 -69.54 18.01
C ASP B 177 51.58 -68.33 17.26
N THR B 178 50.63 -68.58 16.34
CA THR B 178 49.98 -67.50 15.58
C THR B 178 48.83 -66.88 16.37
N TYR B 179 48.05 -67.74 17.03
CA TYR B 179 46.91 -67.30 17.84
C TYR B 179 47.34 -66.46 19.05
N LYS B 180 48.47 -66.82 19.67
CA LYS B 180 49.04 -66.06 20.77
C LYS B 180 49.64 -64.74 20.30
N LEU B 181 50.13 -64.72 19.06
CA LEU B 181 50.69 -63.52 18.46
C LEU B 181 49.58 -62.52 18.14
N TYR B 182 48.43 -63.02 17.71
CA TYR B 182 47.26 -62.19 17.42
C TYR B 182 46.63 -61.59 18.67
N VAL B 183 46.77 -62.29 19.80
CA VAL B 183 46.33 -61.78 21.11
C VAL B 183 47.19 -60.59 21.54
N GLU B 184 48.50 -60.70 21.33
CA GLU B 184 49.44 -59.61 21.61
C GLU B 184 49.24 -58.43 20.65
N LYS B 185 48.98 -58.74 19.38
CA LYS B 185 48.78 -57.71 18.35
C LYS B 185 47.42 -57.02 18.47
N TYR B 186 46.45 -57.70 19.07
CA TYR B 186 45.17 -57.09 19.40
C TYR B 186 45.33 -56.12 20.57
N ALA B 187 46.05 -56.56 21.60
CA ALA B 187 46.32 -55.74 22.79
C ALA B 187 47.20 -54.54 22.49
N LEU B 188 48.03 -54.66 21.44
CA LEU B 188 48.87 -53.55 20.98
C LEU B 188 48.04 -52.56 20.16
N ALA B 189 47.11 -53.09 19.36
CA ALA B 189 46.24 -52.27 18.52
C ALA B 189 45.11 -51.62 19.32
N LYS B 190 44.65 -52.32 20.36
CA LYS B 190 43.64 -51.79 21.28
C LYS B 190 44.20 -50.60 22.06
N ALA B 191 45.46 -50.72 22.49
CA ALA B 191 46.15 -49.65 23.20
C ALA B 191 46.54 -48.50 22.27
N ASP B 192 46.45 -48.75 20.96
CA ASP B 192 46.73 -47.74 19.95
C ASP B 192 45.45 -47.05 19.49
N PHE B 193 44.38 -47.83 19.37
CA PHE B 193 43.07 -47.31 18.98
C PHE B 193 42.45 -46.45 20.08
N GLU B 194 42.37 -47.01 21.29
CA GLU B 194 41.79 -46.32 22.44
C GLU B 194 42.54 -45.04 22.82
N GLN B 195 43.86 -45.04 22.59
CA GLN B 195 44.68 -43.86 22.85
C GLN B 195 44.42 -42.76 21.83
N LYS B 196 44.40 -43.13 20.55
CA LYS B 196 44.21 -42.17 19.45
C LYS B 196 42.76 -41.70 19.31
N MET B 197 41.81 -42.58 19.58
CA MET B 197 40.38 -42.24 19.49
C MET B 197 39.98 -41.23 20.55
N THR B 198 40.52 -41.36 21.75
CA THR B 198 40.28 -40.43 22.85
C THR B 198 40.78 -39.02 22.51
N GLU B 199 41.90 -38.96 21.78
CA GLU B 199 42.47 -37.69 21.33
C GLU B 199 41.70 -37.12 20.14
N THR B 200 41.18 -37.99 19.30
CA THR B 200 40.46 -37.60 18.08
C THR B 200 39.03 -37.17 18.39
N ALA B 201 38.34 -37.91 19.25
CA ALA B 201 36.98 -37.58 19.66
C ALA B 201 36.93 -36.26 20.42
N GLN B 202 37.97 -35.98 21.20
CA GLN B 202 38.10 -34.70 21.90
C GLN B 202 38.37 -33.57 20.91
N LYS B 203 39.14 -33.86 19.87
CA LYS B 203 39.43 -32.89 18.82
C LYS B 203 38.19 -32.58 17.98
N PHE B 204 37.37 -33.60 17.73
CA PHE B 204 36.11 -33.44 17.01
C PHE B 204 35.09 -32.59 17.78
N GLN B 205 35.12 -32.69 19.10
CA GLN B 205 34.26 -31.89 19.97
C GLN B 205 34.76 -30.44 20.07
N ASP B 206 36.08 -30.28 20.15
CA ASP B 206 36.71 -28.96 20.25
C ASP B 206 36.47 -28.11 19.00
N ILE B 207 36.53 -28.74 17.83
CA ILE B 207 36.29 -28.04 16.56
C ILE B 207 34.80 -27.81 16.32
N GLU B 208 33.97 -28.66 16.91
CA GLU B 208 32.53 -28.50 16.86
C GLU B 208 32.08 -27.38 17.80
N GLU B 209 32.84 -27.21 18.89
CA GLU B 209 32.62 -26.10 19.80
C GLU B 209 32.93 -24.77 19.12
N THR B 210 34.06 -24.70 18.42
CA THR B 210 34.47 -23.49 17.69
C THR B 210 33.53 -23.19 16.51
N HIS B 211 32.91 -24.24 15.97
CA HIS B 211 31.90 -24.12 14.92
C HIS B 211 30.62 -23.50 15.46
N LEU B 212 30.13 -24.04 16.58
CA LEU B 212 28.86 -23.61 17.16
C LEU B 212 28.91 -22.22 17.80
N ILE B 213 30.08 -21.83 18.33
CA ILE B 213 30.22 -20.49 18.90
C ILE B 213 30.27 -19.41 17.82
N HIS B 214 30.85 -19.76 16.67
CA HIS B 214 31.00 -18.83 15.56
C HIS B 214 29.70 -18.67 14.76
N ILE B 215 28.94 -19.75 14.65
CA ILE B 215 27.62 -19.72 14.02
C ILE B 215 26.65 -18.88 14.86
N LYS B 216 26.75 -19.00 16.18
CA LYS B 216 25.94 -18.20 17.10
C LYS B 216 26.33 -16.72 17.10
N GLU B 217 27.59 -16.43 16.75
CA GLU B 217 28.07 -15.07 16.61
C GLU B 217 27.50 -14.39 15.37
N ILE B 218 27.33 -15.18 14.30
CA ILE B 218 26.72 -14.71 13.06
C ILE B 218 25.22 -14.46 13.26
N ILE B 219 24.55 -15.38 13.97
CA ILE B 219 23.14 -15.23 14.32
C ILE B 219 22.97 -14.06 15.30
N GLY B 220 24.00 -13.81 16.11
CA GLY B 220 24.05 -12.64 16.96
C GLY B 220 24.10 -11.35 16.14
N SER B 221 24.89 -11.38 15.07
CA SER B 221 24.99 -10.26 14.13
C SER B 221 23.70 -10.08 13.33
N LEU B 222 23.00 -11.19 13.10
CA LEU B 222 21.69 -11.17 12.45
C LEU B 222 20.67 -10.48 13.35
N SER B 223 20.63 -10.89 14.62
CA SER B 223 19.70 -10.30 15.60
C SER B 223 19.96 -8.82 15.84
N ASN B 224 21.24 -8.44 15.81
CA ASN B 224 21.64 -7.04 15.95
C ASN B 224 21.15 -6.17 14.81
N ALA B 225 21.32 -6.65 13.58
CA ALA B 225 20.91 -5.93 12.38
C ALA B 225 19.40 -5.71 12.34
N ILE B 226 18.64 -6.71 12.76
CA ILE B 226 17.19 -6.63 12.82
C ILE B 226 16.73 -5.70 13.96
N LYS B 227 17.43 -5.78 15.09
CA LYS B 227 17.17 -4.93 16.25
C LYS B 227 17.43 -3.45 15.96
N GLU B 228 18.49 -3.18 15.20
CA GLU B 228 18.87 -1.82 14.83
C GLU B 228 17.86 -1.17 13.90
N ILE B 229 17.43 -1.92 12.89
CA ILE B 229 16.41 -1.46 11.95
C ILE B 229 15.04 -1.34 12.61
N HIS B 230 14.74 -2.27 13.53
CA HIS B 230 13.50 -2.24 14.31
C HIS B 230 13.41 -0.97 15.17
N LEU B 231 14.56 -0.50 15.66
CA LEU B 231 14.63 0.76 16.40
C LEU B 231 14.33 1.94 15.48
N GLN B 232 14.90 1.91 14.28
CA GLN B 232 14.70 2.95 13.26
C GLN B 232 13.24 3.00 12.78
N ILE B 233 12.64 1.83 12.60
CA ILE B 233 11.24 1.71 12.22
C ILE B 233 10.33 2.34 13.27
N GLY B 234 10.66 2.13 14.55
CA GLY B 234 9.92 2.73 15.65
C GLY B 234 10.03 4.24 15.72
N GLN B 235 11.17 4.76 15.26
CA GLN B 235 11.39 6.22 15.20
C GLN B 235 10.55 6.86 14.10
N VAL B 236 10.42 6.16 12.98
CA VAL B 236 9.59 6.60 11.86
C VAL B 236 8.13 6.69 12.30
N HIS B 237 7.66 5.69 13.04
CA HIS B 237 6.30 5.66 13.56
C HIS B 237 6.03 6.83 14.50
N GLU B 238 7.04 7.22 15.26
CA GLU B 238 6.95 8.36 16.18
C GLU B 238 7.04 9.70 15.45
N GLU B 239 7.81 9.74 14.36
CA GLU B 239 7.93 10.92 13.52
C GLU B 239 6.63 11.17 12.76
N PHE B 240 5.98 10.08 12.33
CA PHE B 240 4.67 10.15 11.68
C PHE B 240 3.61 10.70 12.62
N ILE B 241 3.61 10.21 13.86
CA ILE B 241 2.67 10.67 14.89
C ILE B 241 2.86 12.16 15.19
N ASN B 242 4.12 12.59 15.25
CA ASN B 242 4.46 13.99 15.48
C ASN B 242 4.03 14.91 14.34
N ASN B 243 4.37 14.51 13.11
CA ASN B 243 4.01 15.27 11.91
C ASN B 243 2.49 15.38 11.72
N MET B 244 1.75 14.36 12.17
CA MET B 244 0.30 14.40 12.16
C MET B 244 -0.25 15.37 13.21
N ALA B 245 0.47 15.48 14.32
CA ALA B 245 0.11 16.42 15.38
C ALA B 245 0.42 17.85 14.97
N ASN B 246 1.52 18.02 14.22
CA ASN B 246 1.92 19.34 13.70
C ASN B 246 0.97 19.85 12.62
N THR B 247 0.46 18.94 11.80
CA THR B 247 -0.54 19.27 10.78
C THR B 247 -1.89 19.42 11.47
N THR B 248 -2.10 20.60 12.05
CA THR B 248 -3.29 20.90 12.84
C THR B 248 -4.52 21.10 11.95
N VAL B 249 -5.70 20.96 12.56
CA VAL B 249 -6.97 21.25 11.89
C VAL B 249 -7.00 22.69 11.38
N GLU B 250 -6.49 23.60 12.20
CA GLU B 250 -6.42 25.02 11.88
C GLU B 250 -5.56 25.31 10.65
N SER B 251 -4.41 24.62 10.55
CA SER B 251 -3.48 24.82 9.44
C SER B 251 -4.04 24.34 8.10
N LEU B 252 -4.91 23.33 8.16
CA LEU B 252 -5.58 22.80 6.97
C LEU B 252 -6.73 23.71 6.53
N ILE B 253 -7.49 24.22 7.51
CA ILE B 253 -8.57 25.18 7.27
C ILE B 253 -8.02 26.45 6.62
N GLN B 254 -6.89 26.92 7.12
CA GLN B 254 -6.19 28.09 6.57
C GLN B 254 -5.63 27.79 5.18
N LYS B 255 -5.12 26.58 4.99
CA LYS B 255 -4.53 26.15 3.72
C LYS B 255 -5.54 26.23 2.59
N PHE B 256 -6.73 25.67 2.83
CA PHE B 256 -7.80 25.64 1.83
C PHE B 256 -8.45 27.00 1.60
N ALA B 257 -8.69 27.75 2.68
CA ALA B 257 -9.33 29.07 2.60
C ALA B 257 -8.52 30.06 1.79
N GLU B 258 -7.20 30.00 1.91
CA GLU B 258 -6.31 30.90 1.19
C GLU B 258 -5.98 30.40 -0.22
N SER B 259 -6.20 29.11 -0.45
CA SER B 259 -5.94 28.50 -1.76
C SER B 259 -7.17 28.59 -2.67
N LYS B 260 -8.33 28.20 -2.14
CA LYS B 260 -9.56 28.13 -2.93
C LYS B 260 -10.62 29.16 -2.56
N GLY B 261 -10.21 30.20 -1.84
CA GLY B 261 -11.10 31.30 -1.45
C GLY B 261 -11.51 32.15 -2.64
N THR B 262 -12.79 32.52 -2.68
CA THR B 262 -13.38 33.25 -3.81
C THR B 262 -13.15 34.76 -3.75
N GLY B 263 -12.80 35.27 -2.57
CA GLY B 263 -12.50 36.69 -2.40
C GLY B 263 -12.64 37.18 -0.97
N LYS B 264 -11.72 38.06 -0.58
CA LYS B 264 -11.72 38.66 0.76
C LYS B 264 -12.76 39.78 0.87
N GLU B 265 -12.94 40.53 -0.22
CA GLU B 265 -13.82 41.69 -0.26
C GLU B 265 -15.30 41.31 -0.46
N ARG B 266 -16.16 41.84 0.38
CA ARG B 266 -17.60 41.59 0.32
C ARG B 266 -18.23 42.34 -0.86
N PRO B 267 -19.46 41.93 -1.28
CA PRO B 267 -20.17 42.62 -2.36
C PRO B 267 -20.15 44.13 -2.20
N GLY B 268 -19.86 44.85 -3.29
CA GLY B 268 -19.71 46.30 -3.25
C GLY B 268 -21.01 47.06 -3.09
N LEU B 269 -20.89 48.33 -2.67
CA LEU B 269 -22.02 49.23 -2.55
C LEU B 269 -22.36 49.84 -3.91
N ILE B 270 -23.63 49.72 -4.31
CA ILE B 270 -24.09 50.28 -5.57
C ILE B 270 -25.20 51.32 -5.32
N GLU B 271 -24.89 52.57 -5.65
CA GLU B 271 -25.83 53.69 -5.51
C GLU B 271 -26.26 54.19 -6.90
N PHE B 272 -27.22 55.12 -6.92
CA PHE B 272 -27.67 55.76 -8.15
C PHE B 272 -26.54 56.54 -8.83
N GLU B 273 -26.43 56.38 -10.15
CA GLU B 273 -25.47 57.14 -10.94
C GLU B 273 -26.16 57.82 -12.11
N GLU B 274 -26.06 59.15 -12.14
CA GLU B 274 -26.75 59.96 -13.14
C GLU B 274 -25.98 60.02 -14.46
N CYS B 275 -26.72 59.97 -15.57
CA CYS B 275 -26.15 60.01 -16.91
C CYS B 275 -25.63 61.41 -17.26
N MET C 5 -11.47 -9.74 -23.51
CA MET C 5 -12.69 -8.88 -23.49
C MET C 5 -13.38 -8.91 -22.12
N ALA C 6 -13.42 -10.09 -21.49
CA ALA C 6 -13.92 -10.22 -20.13
C ALA C 6 -12.78 -9.98 -19.14
N TYR C 7 -12.32 -8.73 -19.09
CA TYR C 7 -11.14 -8.32 -18.32
C TYR C 7 -11.30 -8.48 -16.82
N PHE C 8 -12.50 -8.22 -16.32
CA PHE C 8 -12.76 -8.25 -14.88
C PHE C 8 -12.90 -9.67 -14.33
N VAL C 9 -13.37 -10.59 -15.17
CA VAL C 9 -13.51 -12.00 -14.80
C VAL C 9 -12.14 -12.69 -14.73
N GLU C 10 -11.32 -12.43 -15.75
CA GLU C 10 -10.04 -13.11 -15.91
C GLU C 10 -8.94 -12.60 -14.97
N ASN C 11 -9.11 -11.39 -14.43
CA ASN C 11 -8.04 -10.72 -13.70
C ASN C 11 -8.26 -10.48 -12.21
N PHE C 12 -9.44 -10.83 -11.69
CA PHE C 12 -9.75 -10.54 -10.29
C PHE C 12 -9.99 -11.76 -9.42
N TRP C 13 -9.02 -12.67 -9.43
CA TRP C 13 -9.05 -13.86 -8.59
C TRP C 13 -8.02 -13.74 -7.47
N GLY C 14 -6.98 -14.57 -7.51
CA GLY C 14 -5.92 -14.53 -6.50
C GLY C 14 -6.24 -15.39 -5.27
N GLU C 15 -5.18 -15.73 -4.53
CA GLU C 15 -5.26 -16.63 -3.38
C GLU C 15 -5.97 -16.02 -2.16
N LYS C 16 -5.96 -14.69 -2.07
CA LYS C 16 -6.59 -13.98 -0.97
C LYS C 16 -8.11 -13.87 -1.15
N ASN C 17 -8.59 -14.21 -2.36
CA ASN C 17 -10.00 -14.04 -2.74
C ASN C 17 -10.50 -12.62 -2.49
N SER C 18 -9.61 -11.64 -2.68
CA SER C 18 -9.89 -10.25 -2.35
C SER C 18 -10.42 -9.45 -3.56
N GLY C 19 -10.55 -10.12 -4.69
CA GLY C 19 -10.98 -9.49 -5.95
C GLY C 19 -12.33 -8.80 -5.91
N PHE C 20 -13.27 -9.36 -5.17
CA PHE C 20 -14.60 -8.77 -5.01
C PHE C 20 -14.50 -7.40 -4.35
N ASP C 21 -13.79 -7.35 -3.23
CA ASP C 21 -13.60 -6.12 -2.46
C ASP C 21 -13.00 -5.00 -3.31
N VAL C 22 -12.00 -5.34 -4.12
CA VAL C 22 -11.37 -4.37 -5.01
C VAL C 22 -12.36 -3.85 -6.05
N LEU C 23 -13.08 -4.76 -6.69
CA LEU C 23 -14.05 -4.39 -7.73
C LEU C 23 -15.23 -3.58 -7.19
N TYR C 24 -15.71 -3.93 -5.99
CA TYR C 24 -16.82 -3.21 -5.36
C TYR C 24 -16.43 -1.78 -5.02
N HIS C 25 -15.26 -1.61 -4.40
CA HIS C 25 -14.81 -0.28 -4.01
C HIS C 25 -14.39 0.56 -5.21
N ASN C 26 -13.97 -0.11 -6.29
CA ASN C 26 -13.69 0.58 -7.56
C ASN C 26 -14.96 1.21 -8.13
N MET C 27 -16.07 0.47 -8.03
CA MET C 27 -17.38 1.00 -8.40
C MET C 27 -17.66 2.27 -7.60
N LYS C 28 -17.40 2.21 -6.30
CA LYS C 28 -17.61 3.35 -5.41
C LYS C 28 -16.70 4.53 -5.75
N HIS C 29 -15.47 4.23 -6.19
CA HIS C 29 -14.52 5.27 -6.58
C HIS C 29 -15.01 6.08 -7.79
N GLY C 30 -15.94 5.50 -8.55
CA GLY C 30 -16.57 6.18 -9.67
C GLY C 30 -17.31 7.44 -9.27
N GLN C 31 -17.72 7.51 -8.00
CA GLN C 31 -18.34 8.70 -7.42
C GLN C 31 -17.34 9.84 -7.29
N ILE C 32 -16.07 9.51 -7.02
CA ILE C 32 -14.99 10.49 -6.99
C ILE C 32 -14.83 11.14 -8.37
N SER C 33 -14.77 10.30 -9.41
CA SER C 33 -14.63 10.77 -10.80
C SER C 33 -15.64 11.85 -11.16
N THR C 34 -16.90 11.63 -10.75
CA THR C 34 -18.00 12.54 -11.02
C THR C 34 -17.83 13.89 -10.30
N LYS C 35 -17.40 13.85 -9.04
CA LYS C 35 -17.12 15.06 -8.26
C LYS C 35 -15.94 15.84 -8.84
N GLU C 36 -14.95 15.12 -9.36
CA GLU C 36 -13.73 15.73 -9.87
C GLU C 36 -13.95 16.40 -11.23
N LEU C 37 -14.77 15.76 -12.08
CA LEU C 37 -15.13 16.30 -13.38
C LEU C 37 -15.95 17.58 -13.24
N ALA C 38 -16.90 17.56 -12.29
CA ALA C 38 -17.72 18.74 -11.99
C ALA C 38 -16.85 19.90 -11.52
N ASP C 39 -15.83 19.60 -10.72
CA ASP C 39 -14.85 20.59 -10.27
C ASP C 39 -14.10 21.21 -11.45
N PHE C 40 -13.74 20.38 -12.43
CA PHE C 40 -13.01 20.81 -13.61
C PHE C 40 -13.83 21.77 -14.48
N VAL C 41 -15.08 21.38 -14.78
CA VAL C 41 -15.99 22.23 -15.56
C VAL C 41 -16.32 23.52 -14.80
N ARG C 42 -16.36 23.41 -13.48
CA ARG C 42 -16.60 24.55 -12.59
C ARG C 42 -15.45 25.56 -12.68
N GLU C 43 -14.21 25.06 -12.71
CA GLU C 43 -13.02 25.92 -12.81
C GLU C 43 -12.83 26.49 -14.22
N ARG C 44 -13.19 25.72 -15.23
CA ARG C 44 -13.11 26.14 -16.63
C ARG C 44 -14.05 27.33 -16.89
N ALA C 45 -15.23 27.29 -16.26
CA ALA C 45 -16.22 28.36 -16.38
C ALA C 45 -15.78 29.63 -15.66
N THR C 46 -15.09 29.47 -14.53
CA THR C 46 -14.52 30.58 -13.78
C THR C 46 -13.57 31.40 -14.68
N ILE C 47 -12.69 30.70 -15.38
CA ILE C 47 -11.75 31.31 -16.31
C ILE C 47 -12.51 31.99 -17.45
N GLU C 48 -13.54 31.29 -17.94
CA GLU C 48 -14.35 31.78 -19.04
C GLU C 48 -15.13 33.04 -18.65
N GLU C 49 -15.61 33.06 -17.40
CA GLU C 49 -16.36 34.20 -16.89
C GLU C 49 -15.44 35.39 -16.65
N ALA C 50 -14.28 35.13 -16.05
CA ALA C 50 -13.26 36.15 -15.88
C ALA C 50 -12.97 36.85 -17.21
N TYR C 51 -12.67 36.06 -18.25
CA TYR C 51 -12.35 36.55 -19.60
C TYR C 51 -13.48 37.44 -20.11
N SER C 52 -14.71 36.95 -19.96
CA SER C 52 -15.91 37.66 -20.36
C SER C 52 -16.03 39.04 -19.69
N ARG C 53 -15.88 39.06 -18.37
CA ARG C 53 -15.97 40.31 -17.60
C ARG C 53 -14.93 41.33 -18.06
N SER C 54 -13.71 40.87 -18.25
CA SER C 54 -12.61 41.72 -18.70
C SER C 54 -12.90 42.28 -20.10
N MET C 55 -13.44 41.44 -20.98
CA MET C 55 -13.83 41.85 -22.33
C MET C 55 -14.93 42.92 -22.31
N THR C 56 -15.90 42.76 -21.42
CA THR C 56 -16.96 43.75 -21.23
C THR C 56 -16.39 45.11 -20.81
N LYS C 57 -15.43 45.09 -19.90
CA LYS C 57 -14.73 46.29 -19.46
C LYS C 57 -13.88 46.90 -20.57
N LEU C 58 -13.28 46.05 -21.39
CA LEU C 58 -12.49 46.49 -22.54
C LEU C 58 -13.37 47.15 -23.61
N ALA C 59 -14.60 46.64 -23.74
CA ALA C 59 -15.59 47.21 -24.67
C ALA C 59 -16.00 48.61 -24.23
N LYS C 60 -16.34 48.75 -22.95
CA LYS C 60 -16.75 50.02 -22.36
C LYS C 60 -15.65 51.08 -22.44
N SER C 61 -14.39 50.66 -22.30
CA SER C 61 -13.26 51.58 -22.40
C SER C 61 -13.04 52.05 -23.83
N ALA C 62 -13.45 51.23 -24.81
CA ALA C 62 -13.36 51.60 -26.22
C ALA C 62 -14.16 52.86 -26.53
N SER C 63 -15.29 53.03 -25.86
CA SER C 63 -16.12 54.23 -26.03
C SER C 63 -15.59 55.45 -25.28
N ASN C 64 -14.77 55.21 -24.27
CA ASN C 64 -14.17 56.29 -23.46
C ASN C 64 -12.84 56.82 -23.99
N TYR C 65 -12.56 56.59 -25.26
CA TYR C 65 -11.37 57.16 -25.90
C TYR C 65 -11.68 58.57 -26.43
N SER C 66 -10.64 59.23 -26.94
CA SER C 66 -10.75 60.62 -27.37
C SER C 66 -11.71 60.81 -28.54
N GLN C 67 -12.27 62.00 -28.63
CA GLN C 67 -13.16 62.39 -29.71
C GLN C 67 -12.40 63.05 -30.85
N LEU C 68 -11.13 63.37 -30.59
CA LEU C 68 -10.30 64.08 -31.55
C LEU C 68 -9.73 63.15 -32.61
N GLY C 69 -9.60 63.67 -33.83
CA GLY C 69 -9.04 62.91 -34.93
C GLY C 69 -10.11 62.31 -35.81
N THR C 70 -9.73 62.01 -37.05
CA THR C 70 -10.64 61.43 -38.04
C THR C 70 -10.99 59.99 -37.69
N PHE C 71 -10.11 59.35 -36.91
CA PHE C 71 -10.25 57.95 -36.51
C PHE C 71 -11.36 57.74 -35.47
N ALA C 72 -11.67 58.78 -34.70
CA ALA C 72 -12.62 58.71 -33.59
C ALA C 72 -13.83 57.77 -33.73
N PRO C 73 -14.61 57.87 -34.84
CA PRO C 73 -15.80 57.01 -34.99
C PRO C 73 -15.52 55.50 -35.14
N VAL C 74 -14.26 55.12 -35.40
CA VAL C 74 -13.89 53.71 -35.55
C VAL C 74 -14.00 52.96 -34.22
N TRP C 75 -13.90 53.69 -33.12
CA TRP C 75 -13.99 53.11 -31.78
C TRP C 75 -15.32 52.41 -31.50
N ASP C 76 -16.39 52.90 -32.13
CA ASP C 76 -17.71 52.29 -31.96
C ASP C 76 -17.75 50.88 -32.55
N VAL C 77 -16.95 50.65 -33.59
CA VAL C 77 -16.82 49.34 -34.21
C VAL C 77 -16.12 48.36 -33.24
N PHE C 78 -15.06 48.84 -32.59
CA PHE C 78 -14.38 48.11 -31.53
C PHE C 78 -15.33 47.80 -30.37
N LYS C 79 -16.14 48.77 -29.98
CA LYS C 79 -17.10 48.64 -28.88
C LYS C 79 -18.10 47.50 -29.11
N THR C 80 -18.77 47.53 -30.27
CA THR C 80 -19.84 46.59 -30.58
C THR C 80 -19.37 45.14 -30.72
N SER C 81 -18.22 44.94 -31.38
CA SER C 81 -17.66 43.62 -31.58
C SER C 81 -17.12 43.02 -30.28
N THR C 82 -16.49 43.88 -29.47
CA THR C 82 -15.95 43.49 -28.18
C THR C 82 -17.07 43.14 -27.19
N GLU C 83 -18.17 43.88 -27.24
CA GLU C 83 -19.37 43.54 -26.48
C GLU C 83 -19.90 42.16 -26.89
N LYS C 84 -19.98 41.94 -28.20
CA LYS C 84 -20.47 40.67 -28.77
C LYS C 84 -19.59 39.49 -28.40
N LEU C 85 -18.27 39.71 -28.40
CA LEU C 85 -17.30 38.67 -28.04
C LEU C 85 -17.38 38.31 -26.56
N ALA C 86 -17.55 39.33 -25.72
CA ALA C 86 -17.69 39.13 -24.28
C ALA C 86 -18.94 38.33 -23.93
N ASN C 87 -20.01 38.56 -24.69
CA ASN C 87 -21.28 37.85 -24.47
C ASN C 87 -21.25 36.41 -24.96
N CYS C 88 -20.34 36.13 -25.90
CA CYS C 88 -20.12 34.77 -26.38
C CYS C 88 -19.52 33.91 -25.28
N HIS C 89 -18.58 34.48 -24.54
CA HIS C 89 -17.90 33.77 -23.46
C HIS C 89 -18.78 33.59 -22.23
N LEU C 90 -19.64 34.57 -21.95
CA LEU C 90 -20.62 34.43 -20.88
C LEU C 90 -21.68 33.39 -21.23
N ASP C 91 -21.93 33.22 -22.53
CA ASP C 91 -22.87 32.20 -23.00
C ASP C 91 -22.32 30.79 -22.77
N LEU C 92 -21.01 30.64 -22.97
CA LEU C 92 -20.31 29.38 -22.68
C LEU C 92 -20.38 29.07 -21.18
N VAL C 93 -20.18 30.09 -20.35
CA VAL C 93 -20.28 29.96 -18.90
C VAL C 93 -21.62 29.36 -18.48
N ARG C 94 -22.70 29.90 -19.04
CA ARG C 94 -24.05 29.45 -18.74
C ARG C 94 -24.28 28.02 -19.20
N LYS C 95 -23.70 27.66 -20.35
CA LYS C 95 -23.81 26.32 -20.90
C LYS C 95 -23.03 25.31 -20.07
N LEU C 96 -21.83 25.69 -19.64
CA LEU C 96 -21.01 24.87 -18.74
C LEU C 96 -21.71 24.68 -17.38
N GLN C 97 -22.34 25.74 -16.89
CA GLN C 97 -23.09 25.69 -15.63
C GLN C 97 -24.29 24.75 -15.69
N GLU C 98 -24.85 24.59 -16.89
CA GLU C 98 -25.94 23.65 -17.13
C GLU C 98 -25.41 22.23 -17.20
N LEU C 99 -24.19 22.08 -17.71
CA LEU C 99 -23.52 20.79 -17.78
C LEU C 99 -23.09 20.32 -16.40
N ILE C 100 -22.66 21.28 -15.56
CA ILE C 100 -22.27 21.00 -14.18
C ILE C 100 -23.45 20.39 -13.41
N LYS C 101 -24.65 20.90 -13.68
CA LYS C 101 -25.88 20.44 -13.03
C LYS C 101 -26.26 19.00 -13.41
N GLU C 102 -26.01 18.62 -14.66
CA GLU C 102 -26.33 17.26 -15.11
C GLU C 102 -25.27 16.24 -14.70
N VAL C 103 -24.08 16.73 -14.40
CA VAL C 103 -23.02 15.91 -13.77
C VAL C 103 -23.40 15.64 -12.32
N GLN C 104 -23.86 16.68 -11.62
CA GLN C 104 -24.35 16.56 -10.24
C GLN C 104 -25.59 15.67 -10.17
N LYS C 105 -26.39 15.70 -11.24
CA LYS C 105 -27.57 14.85 -11.38
C LYS C 105 -27.14 13.39 -11.53
N TYR C 106 -26.05 13.16 -12.28
CA TYR C 106 -25.49 11.82 -12.45
C TYR C 106 -24.83 11.32 -11.18
N GLY C 107 -24.26 12.24 -10.40
CA GLY C 107 -23.61 11.90 -9.14
C GLY C 107 -24.57 11.34 -8.11
N GLU C 108 -25.78 11.90 -8.06
CA GLU C 108 -26.78 11.48 -7.08
C GLU C 108 -27.59 10.23 -7.50
N GLU C 109 -27.66 9.98 -8.80
CA GLU C 109 -28.30 8.76 -9.29
C GLU C 109 -27.31 7.60 -9.33
N GLN C 110 -26.01 7.91 -9.21
CA GLN C 110 -24.96 6.90 -9.00
C GLN C 110 -25.10 6.29 -7.61
N VAL C 111 -25.28 7.14 -6.60
CA VAL C 111 -25.43 6.72 -5.21
C VAL C 111 -26.58 5.72 -5.07
N LYS C 112 -27.66 5.95 -5.83
CA LYS C 112 -28.82 5.05 -5.84
C LYS C 112 -28.55 3.74 -6.59
N SER C 113 -27.68 3.81 -7.61
CA SER C 113 -27.29 2.62 -8.36
C SER C 113 -26.34 1.74 -7.56
N HIS C 114 -25.48 2.38 -6.77
CA HIS C 114 -24.47 1.69 -5.96
C HIS C 114 -25.10 0.98 -4.77
N LYS C 115 -26.16 1.57 -4.22
CA LYS C 115 -26.93 0.97 -3.13
C LYS C 115 -27.65 -0.29 -3.62
N LYS C 116 -28.22 -0.20 -4.82
CA LYS C 116 -28.91 -1.30 -5.48
C LYS C 116 -27.96 -2.47 -5.72
N THR C 117 -26.75 -2.16 -6.22
CA THR C 117 -25.73 -3.17 -6.51
C THR C 117 -25.26 -3.91 -5.26
N LYS C 118 -24.99 -3.17 -4.19
CA LYS C 118 -24.54 -3.73 -2.92
C LYS C 118 -25.47 -4.84 -2.43
N GLU C 119 -26.77 -4.60 -2.57
CA GLU C 119 -27.79 -5.55 -2.17
C GLU C 119 -27.89 -6.74 -3.14
N GLU C 120 -27.56 -6.48 -4.40
CA GLU C 120 -27.61 -7.51 -5.44
C GLU C 120 -26.40 -8.45 -5.44
N VAL C 121 -25.27 -7.97 -4.91
CA VAL C 121 -24.04 -8.78 -4.83
C VAL C 121 -23.80 -9.30 -3.40
N ALA C 122 -24.85 -9.28 -2.59
CA ALA C 122 -24.77 -9.73 -1.20
C ALA C 122 -24.49 -11.23 -1.07
N GLY C 123 -25.01 -12.01 -2.01
CA GLY C 123 -24.76 -13.44 -2.08
C GLY C 123 -23.32 -13.78 -2.46
N THR C 124 -22.69 -12.87 -3.21
CA THR C 124 -21.29 -13.03 -3.60
C THR C 124 -20.35 -12.71 -2.43
N LEU C 125 -20.69 -11.68 -1.66
CA LEU C 125 -19.92 -11.31 -0.48
C LEU C 125 -19.91 -12.42 0.56
N GLU C 126 -21.08 -13.06 0.74
CA GLU C 126 -21.24 -14.20 1.64
C GLU C 126 -20.39 -15.39 1.16
N ALA C 127 -20.37 -15.61 -0.15
CA ALA C 127 -19.58 -16.69 -0.76
C ALA C 127 -18.08 -16.47 -0.59
N VAL C 128 -17.65 -15.21 -0.63
CA VAL C 128 -16.24 -14.84 -0.43
C VAL C 128 -15.85 -15.08 1.02
N GLN C 129 -16.71 -14.65 1.95
CA GLN C 129 -16.50 -14.85 3.38
C GLN C 129 -16.44 -16.34 3.74
N THR C 130 -17.19 -17.14 3.01
CA THR C 130 -17.23 -18.59 3.21
C THR C 130 -15.93 -19.25 2.77
N ILE C 131 -15.53 -19.05 1.51
CA ILE C 131 -14.31 -19.65 0.98
C ILE C 131 -13.06 -19.25 1.78
N GLN C 132 -13.04 -18.01 2.28
CA GLN C 132 -11.93 -17.53 3.10
C GLN C 132 -11.91 -18.19 4.48
N SER C 133 -13.11 -18.42 5.04
CA SER C 133 -13.25 -19.07 6.33
C SER C 133 -12.90 -20.55 6.25
N ILE C 134 -13.35 -21.21 5.19
CA ILE C 134 -13.11 -22.64 4.97
C ILE C 134 -11.61 -22.93 4.72
N THR C 135 -10.98 -22.12 3.88
CA THR C 135 -9.56 -22.28 3.55
C THR C 135 -8.67 -22.25 4.80
N GLN C 136 -8.96 -21.31 5.70
CA GLN C 136 -8.23 -21.20 6.97
C GLN C 136 -8.53 -22.37 7.90
N ALA C 137 -9.78 -22.82 7.91
CA ALA C 137 -10.21 -23.94 8.75
C ALA C 137 -9.67 -25.28 8.24
N LEU C 138 -9.56 -25.40 6.91
CA LEU C 138 -8.99 -26.58 6.28
C LEU C 138 -7.51 -26.72 6.62
N GLN C 139 -6.79 -25.60 6.61
CA GLN C 139 -5.37 -25.56 6.93
C GLN C 139 -5.10 -25.91 8.39
N LYS C 140 -6.02 -25.52 9.28
CA LYS C 140 -5.93 -25.86 10.70
C LYS C 140 -6.16 -27.36 10.90
N SER C 141 -7.11 -27.93 10.17
CA SER C 141 -7.40 -29.35 10.24
C SER C 141 -6.32 -30.20 9.59
N LYS C 142 -5.66 -29.62 8.58
CA LYS C 142 -4.54 -30.26 7.89
C LYS C 142 -3.31 -30.37 8.80
N GLU C 143 -3.03 -29.29 9.52
CA GLU C 143 -1.93 -29.25 10.48
C GLU C 143 -2.21 -30.15 11.69
N ASN C 144 -3.47 -30.20 12.10
CA ASN C 144 -3.92 -31.07 13.19
C ASN C 144 -3.80 -32.55 12.81
N TYR C 145 -4.14 -32.85 11.55
CA TYR C 145 -4.01 -34.21 11.01
C TYR C 145 -2.58 -34.71 11.05
N ASN C 146 -1.63 -33.83 10.72
CA ASN C 146 -0.21 -34.16 10.73
C ASN C 146 0.39 -34.20 12.13
N ALA C 147 -0.22 -33.44 13.06
CA ALA C 147 0.21 -33.42 14.45
C ALA C 147 -0.07 -34.75 15.13
N LYS C 148 -1.22 -35.35 14.82
CA LYS C 148 -1.60 -36.67 15.37
C LYS C 148 -0.82 -37.79 14.67
N CYS C 149 -0.37 -37.52 13.44
CA CYS C 149 0.46 -38.45 12.68
C CYS C 149 1.84 -38.65 13.30
N VAL C 150 2.46 -37.54 13.70
CA VAL C 150 3.77 -37.57 14.37
C VAL C 150 3.65 -38.24 15.75
N GLU C 151 2.57 -37.92 16.45
CA GLU C 151 2.26 -38.51 17.75
C GLU C 151 2.02 -40.02 17.63
N GLN C 152 1.40 -40.44 16.53
CA GLN C 152 1.17 -41.85 16.24
C GLN C 152 2.50 -42.60 16.05
N GLU C 153 3.40 -42.01 15.27
CA GLU C 153 4.68 -42.64 14.95
C GLU C 153 5.70 -42.58 16.09
N ARG C 154 5.71 -41.49 16.85
CA ARG C 154 6.65 -41.33 17.95
C ARG C 154 6.35 -42.29 19.10
N LEU C 155 5.07 -42.64 19.28
CA LEU C 155 4.66 -43.65 20.25
C LEU C 155 4.98 -45.07 19.77
N LYS C 156 5.02 -45.25 18.45
CA LYS C 156 5.36 -46.53 17.84
C LYS C 156 6.86 -46.79 17.85
N LYS C 157 7.63 -45.77 17.44
CA LYS C 157 9.09 -45.88 17.34
C LYS C 157 9.77 -46.06 18.70
N GLU C 158 9.20 -45.41 19.73
CA GLU C 158 9.71 -45.54 21.10
C GLU C 158 9.14 -46.78 21.80
N GLY C 159 8.03 -47.29 21.29
CA GLY C 159 7.39 -48.49 21.84
C GLY C 159 6.47 -48.17 23.00
N ALA C 160 5.21 -48.55 22.86
CA ALA C 160 4.19 -48.35 23.89
C ALA C 160 3.14 -49.46 23.82
N THR C 161 2.18 -49.41 24.74
CA THR C 161 1.10 -50.41 24.81
C THR C 161 0.23 -50.37 23.56
N GLN C 162 -0.28 -51.54 23.18
CA GLN C 162 -1.30 -51.68 22.14
C GLN C 162 -2.45 -50.70 22.41
N ARG C 163 -2.84 -50.61 23.68
CA ARG C 163 -3.91 -49.73 24.13
C ARG C 163 -3.57 -48.24 24.00
N GLU C 164 -2.30 -47.90 24.23
CA GLU C 164 -1.82 -46.52 24.07
C GLU C 164 -1.84 -46.09 22.61
N ILE C 165 -1.46 -47.00 21.71
CA ILE C 165 -1.46 -46.74 20.28
C ILE C 165 -2.88 -46.76 19.72
N GLU C 166 -3.74 -47.61 20.29
CA GLU C 166 -5.14 -47.72 19.88
C GLU C 166 -5.92 -46.41 20.08
N LYS C 167 -5.64 -45.72 21.19
CA LYS C 167 -6.30 -44.45 21.49
C LYS C 167 -5.66 -43.26 20.75
N ALA C 168 -4.40 -43.43 20.35
CA ALA C 168 -3.72 -42.45 19.51
C ALA C 168 -4.12 -42.63 18.05
N ALA C 169 -4.63 -43.81 17.73
CA ALA C 169 -5.10 -44.14 16.38
C ALA C 169 -6.53 -43.64 16.13
N VAL C 170 -7.34 -43.57 17.19
CA VAL C 170 -8.68 -43.00 17.09
C VAL C 170 -8.64 -41.46 17.15
N LYS C 171 -7.53 -40.93 17.67
CA LYS C 171 -7.27 -39.49 17.63
C LYS C 171 -6.83 -39.08 16.22
N SER C 172 -6.06 -39.94 15.57
CA SER C 172 -5.67 -39.74 14.17
C SER C 172 -6.85 -39.99 13.23
N LYS C 173 -7.71 -40.93 13.60
CA LYS C 173 -8.96 -41.18 12.87
C LYS C 173 -9.87 -39.96 12.91
N LYS C 174 -10.02 -39.38 14.10
CA LYS C 174 -10.83 -38.16 14.29
C LYS C 174 -10.25 -36.96 13.54
N ALA C 175 -8.92 -36.86 13.50
CA ALA C 175 -8.24 -35.80 12.77
C ALA C 175 -8.36 -35.97 11.26
N THR C 176 -8.45 -37.22 10.82
CA THR C 176 -8.63 -37.54 9.40
C THR C 176 -10.06 -37.28 8.95
N ASP C 177 -11.02 -37.53 9.84
CA ASP C 177 -12.43 -37.32 9.53
C ASP C 177 -12.78 -35.84 9.29
N THR C 178 -12.29 -34.96 10.16
CA THR C 178 -12.55 -33.52 10.04
C THR C 178 -11.77 -32.88 8.89
N TYR C 179 -10.54 -33.35 8.68
CA TYR C 179 -9.71 -32.88 7.56
C TYR C 179 -10.31 -33.25 6.21
N LYS C 180 -10.82 -34.48 6.09
CA LYS C 180 -11.51 -34.93 4.89
C LYS C 180 -12.87 -34.24 4.70
N LEU C 181 -13.50 -33.88 5.82
CA LEU C 181 -14.77 -33.17 5.80
C LEU C 181 -14.60 -31.74 5.29
N TYR C 182 -13.48 -31.11 5.66
CA TYR C 182 -13.15 -29.77 5.19
C TYR C 182 -12.70 -29.76 3.73
N VAL C 183 -12.15 -30.88 3.27
CA VAL C 183 -11.79 -31.04 1.84
C VAL C 183 -13.06 -31.07 0.98
N GLU C 184 -14.10 -31.74 1.47
CA GLU C 184 -15.41 -31.73 0.82
C GLU C 184 -16.04 -30.33 0.92
N LYS C 185 -15.90 -29.70 2.08
CA LYS C 185 -16.42 -28.35 2.32
C LYS C 185 -15.76 -27.30 1.43
N TYR C 186 -14.45 -27.44 1.21
CA TYR C 186 -13.70 -26.52 0.36
C TYR C 186 -14.13 -26.61 -1.10
N ALA C 187 -14.22 -27.82 -1.62
CA ALA C 187 -14.65 -28.05 -3.01
C ALA C 187 -16.04 -27.48 -3.26
N LEU C 188 -16.87 -27.49 -2.21
CA LEU C 188 -18.23 -26.97 -2.26
C LEU C 188 -18.24 -25.44 -2.24
N ALA C 189 -17.40 -24.86 -1.39
CA ALA C 189 -17.27 -23.40 -1.27
C ALA C 189 -16.49 -22.81 -2.45
N LYS C 190 -15.61 -23.61 -3.04
CA LYS C 190 -14.82 -23.21 -4.20
C LYS C 190 -15.70 -23.14 -5.45
N ALA C 191 -16.55 -24.16 -5.63
CA ALA C 191 -17.46 -24.21 -6.76
C ALA C 191 -18.54 -23.13 -6.68
N ASP C 192 -18.95 -22.80 -5.46
CA ASP C 192 -19.95 -21.74 -5.23
C ASP C 192 -19.36 -20.36 -5.46
N PHE C 193 -18.17 -20.12 -4.91
CA PHE C 193 -17.47 -18.84 -5.08
C PHE C 193 -17.17 -18.54 -6.54
N GLU C 194 -16.57 -19.50 -7.24
CA GLU C 194 -16.24 -19.33 -8.66
C GLU C 194 -17.46 -19.05 -9.54
N GLN C 195 -18.59 -19.66 -9.19
CA GLN C 195 -19.85 -19.47 -9.92
C GLN C 195 -20.40 -18.05 -9.70
N LYS C 196 -20.39 -17.60 -8.44
CA LYS C 196 -20.91 -16.28 -8.07
C LYS C 196 -19.99 -15.16 -8.53
N MET C 197 -18.68 -15.35 -8.40
CA MET C 197 -17.69 -14.34 -8.74
C MET C 197 -17.58 -14.10 -10.25
N THR C 198 -17.67 -15.18 -11.04
CA THR C 198 -17.67 -15.07 -12.50
C THR C 198 -18.82 -14.17 -12.98
N GLU C 199 -20.00 -14.34 -12.37
CA GLU C 199 -21.16 -13.51 -12.69
C GLU C 199 -21.01 -12.07 -12.18
N THR C 200 -20.46 -11.93 -10.97
CA THR C 200 -20.34 -10.64 -10.30
C THR C 200 -19.22 -9.77 -10.85
N ALA C 201 -18.12 -10.39 -11.29
CA ALA C 201 -17.02 -9.64 -11.91
C ALA C 201 -17.45 -9.02 -13.24
N GLN C 202 -18.27 -9.75 -13.99
CA GLN C 202 -18.87 -9.22 -15.22
C GLN C 202 -19.90 -8.13 -14.93
N LYS C 203 -20.67 -8.32 -13.86
CA LYS C 203 -21.63 -7.34 -13.37
C LYS C 203 -20.94 -6.00 -13.12
N PHE C 204 -19.81 -6.04 -12.40
CA PHE C 204 -19.03 -4.84 -12.09
C PHE C 204 -18.42 -4.19 -13.33
N GLN C 205 -18.06 -5.00 -14.32
CA GLN C 205 -17.51 -4.48 -15.58
C GLN C 205 -18.59 -3.79 -16.40
N ASP C 206 -19.78 -4.39 -16.44
CA ASP C 206 -20.94 -3.80 -17.10
C ASP C 206 -21.35 -2.48 -16.45
N ILE C 207 -21.20 -2.41 -15.13
CA ILE C 207 -21.46 -1.19 -14.37
C ILE C 207 -20.44 -0.10 -14.69
N GLU C 208 -19.16 -0.48 -14.75
CA GLU C 208 -18.10 0.46 -15.11
C GLU C 208 -18.19 0.93 -16.55
N GLU C 209 -18.66 0.05 -17.44
CA GLU C 209 -18.81 0.39 -18.85
C GLU C 209 -19.97 1.37 -19.06
N THR C 210 -21.08 1.13 -18.36
CA THR C 210 -22.23 2.05 -18.35
C THR C 210 -21.82 3.40 -17.73
N HIS C 211 -20.98 3.33 -16.70
CA HIS C 211 -20.42 4.49 -16.03
C HIS C 211 -19.56 5.34 -16.98
N LEU C 212 -18.69 4.67 -17.73
CA LEU C 212 -17.74 5.36 -18.61
C LEU C 212 -18.38 5.97 -19.86
N ILE C 213 -19.36 5.27 -20.45
CA ILE C 213 -20.05 5.78 -21.64
C ILE C 213 -20.86 7.05 -21.34
N HIS C 214 -21.41 7.11 -20.12
CA HIS C 214 -22.19 8.27 -19.69
C HIS C 214 -21.31 9.49 -19.48
N ILE C 215 -20.19 9.30 -18.77
CA ILE C 215 -19.23 10.38 -18.55
C ILE C 215 -18.66 10.91 -19.88
N LYS C 216 -18.38 10.00 -20.81
CA LYS C 216 -17.88 10.39 -22.13
C LYS C 216 -18.93 11.14 -22.96
N GLU C 217 -20.21 10.87 -22.68
CA GLU C 217 -21.31 11.60 -23.29
C GLU C 217 -21.43 13.01 -22.70
N ILE C 218 -21.09 13.14 -21.43
CA ILE C 218 -21.04 14.44 -20.76
C ILE C 218 -19.86 15.27 -21.30
N ILE C 219 -18.69 14.63 -21.43
CA ILE C 219 -17.54 15.27 -22.06
C ILE C 219 -17.84 15.58 -23.53
N GLY C 220 -18.67 14.74 -24.14
CA GLY C 220 -19.18 14.99 -25.49
C GLY C 220 -20.00 16.26 -25.55
N SER C 221 -20.86 16.47 -24.56
CA SER C 221 -21.65 17.69 -24.44
C SER C 221 -20.77 18.90 -24.14
N LEU C 222 -19.73 18.70 -23.34
CA LEU C 222 -18.74 19.73 -23.05
C LEU C 222 -18.07 20.23 -24.33
N SER C 223 -17.67 19.29 -25.19
CA SER C 223 -17.05 19.63 -26.46
C SER C 223 -18.04 20.28 -27.43
N ASN C 224 -19.31 19.93 -27.29
CA ASN C 224 -20.37 20.49 -28.13
C ASN C 224 -20.64 21.96 -27.83
N ALA C 225 -20.70 22.31 -26.55
CA ALA C 225 -20.87 23.69 -26.12
C ALA C 225 -19.69 24.56 -26.54
N ILE C 226 -18.47 24.03 -26.35
CA ILE C 226 -17.24 24.70 -26.75
C ILE C 226 -17.20 24.94 -28.27
N LYS C 227 -17.51 23.90 -29.03
CA LYS C 227 -17.55 23.96 -30.50
C LYS C 227 -18.56 25.00 -30.99
N GLU C 228 -19.72 25.07 -30.33
CA GLU C 228 -20.77 26.00 -30.70
C GLU C 228 -20.35 27.45 -30.47
N ILE C 229 -19.85 27.74 -29.27
CA ILE C 229 -19.41 29.09 -28.90
C ILE C 229 -18.20 29.52 -29.74
N HIS C 230 -17.29 28.60 -30.00
CA HIS C 230 -16.13 28.85 -30.85
C HIS C 230 -16.57 29.26 -32.26
N LEU C 231 -17.67 28.67 -32.72
CA LEU C 231 -18.25 28.98 -34.02
C LEU C 231 -18.87 30.37 -34.00
N GLN C 232 -19.56 30.71 -32.92
CA GLN C 232 -20.13 32.04 -32.71
C GLN C 232 -19.05 33.12 -32.65
N ILE C 233 -17.95 32.80 -31.97
CA ILE C 233 -16.80 33.70 -31.83
C ILE C 233 -16.16 34.03 -33.19
N GLY C 234 -16.03 33.03 -34.05
CA GLY C 234 -15.48 33.21 -35.39
C GLY C 234 -16.33 34.09 -36.29
N GLN C 235 -17.63 34.11 -36.02
CA GLN C 235 -18.58 34.93 -36.75
C GLN C 235 -18.53 36.38 -36.27
N VAL C 236 -18.19 36.57 -35.00
CA VAL C 236 -17.96 37.91 -34.45
C VAL C 236 -16.69 38.49 -35.05
N HIS C 237 -15.66 37.66 -35.19
CA HIS C 237 -14.39 38.08 -35.79
C HIS C 237 -14.58 38.51 -37.25
N GLU C 238 -15.40 37.77 -37.99
CA GLU C 238 -15.67 38.07 -39.40
C GLU C 238 -16.57 39.29 -39.57
N GLU C 239 -17.56 39.43 -38.69
CA GLU C 239 -18.43 40.61 -38.67
C GLU C 239 -17.63 41.89 -38.40
N PHE C 240 -16.67 41.78 -37.49
CA PHE C 240 -15.76 42.89 -37.19
C PHE C 240 -14.93 43.27 -38.43
N ILE C 241 -14.48 42.26 -39.17
CA ILE C 241 -13.66 42.48 -40.37
C ILE C 241 -14.38 43.31 -41.43
N ASN C 242 -15.64 42.96 -41.71
CA ASN C 242 -16.39 43.68 -42.75
C ASN C 242 -17.03 44.98 -42.26
N ASN C 243 -17.27 45.08 -40.95
CA ASN C 243 -17.66 46.35 -40.32
C ASN C 243 -16.54 47.38 -40.42
N MET C 244 -15.30 46.91 -40.28
CA MET C 244 -14.12 47.74 -40.50
C MET C 244 -13.94 48.09 -41.97
N ALA C 245 -14.47 47.25 -42.85
CA ALA C 245 -14.45 47.49 -44.29
C ALA C 245 -15.53 48.50 -44.67
N ASN C 246 -16.71 48.37 -44.08
CA ASN C 246 -17.82 49.31 -44.28
C ASN C 246 -17.53 50.70 -43.73
N THR C 247 -16.73 50.77 -42.66
CA THR C 247 -16.23 52.04 -42.14
C THR C 247 -15.09 52.51 -43.03
N THR C 248 -15.46 53.05 -44.19
CA THR C 248 -14.50 53.41 -45.24
C THR C 248 -13.77 54.72 -44.94
N VAL C 249 -12.61 54.90 -45.57
CA VAL C 249 -11.79 56.11 -45.42
C VAL C 249 -12.58 57.37 -45.80
N GLU C 250 -13.34 57.28 -46.89
CA GLU C 250 -14.21 58.37 -47.36
C GLU C 250 -15.23 58.78 -46.30
N SER C 251 -15.85 57.78 -45.66
CA SER C 251 -16.91 58.02 -44.67
C SER C 251 -16.39 58.70 -43.40
N LEU C 252 -15.12 58.48 -43.07
CA LEU C 252 -14.49 59.10 -41.92
C LEU C 252 -14.07 60.53 -42.22
N ILE C 253 -13.54 60.75 -43.42
CA ILE C 253 -13.17 62.08 -43.90
C ILE C 253 -14.40 62.98 -43.96
N GLN C 254 -15.50 62.44 -44.50
CA GLN C 254 -16.77 63.15 -44.57
C GLN C 254 -17.34 63.45 -43.19
N LYS C 255 -17.24 62.48 -42.29
CA LYS C 255 -17.72 62.62 -40.90
C LYS C 255 -17.08 63.82 -40.21
N PHE C 256 -15.75 63.93 -40.36
CA PHE C 256 -14.99 65.00 -39.73
C PHE C 256 -15.24 66.38 -40.37
N ALA C 257 -15.39 66.40 -41.69
CA ALA C 257 -15.64 67.64 -42.43
C ALA C 257 -17.00 68.24 -42.10
N GLU C 258 -18.01 67.38 -41.99
CA GLU C 258 -19.37 67.82 -41.65
C GLU C 258 -19.49 68.25 -40.19
N SER C 259 -18.75 67.55 -39.32
CA SER C 259 -18.82 67.79 -37.87
C SER C 259 -17.97 68.97 -37.42
N LYS C 260 -16.76 69.09 -37.97
CA LYS C 260 -15.78 70.03 -37.46
C LYS C 260 -15.35 71.09 -38.50
N GLY C 261 -16.11 71.19 -39.59
CA GLY C 261 -15.85 72.18 -40.63
C GLY C 261 -16.14 73.61 -40.18
N THR C 262 -15.29 74.53 -40.61
CA THR C 262 -15.38 75.93 -40.20
C THR C 262 -16.33 76.77 -41.05
N GLY C 263 -16.75 76.22 -42.19
CA GLY C 263 -17.70 76.89 -43.07
C GLY C 263 -17.54 76.56 -44.54
N LYS C 264 -18.66 76.51 -45.26
CA LYS C 264 -18.67 76.24 -46.69
C LYS C 264 -18.41 77.50 -47.52
N GLU C 265 -18.72 78.65 -46.92
CA GLU C 265 -18.61 79.95 -47.59
C GLU C 265 -17.19 80.53 -47.52
N ARG C 266 -16.62 80.79 -48.69
CA ARG C 266 -15.27 81.38 -48.80
C ARG C 266 -15.33 82.88 -48.49
N PRO C 267 -14.18 83.49 -48.12
CA PRO C 267 -14.15 84.92 -47.80
C PRO C 267 -14.80 85.77 -48.91
N GLY C 268 -15.74 86.62 -48.52
CA GLY C 268 -16.54 87.37 -49.48
C GLY C 268 -15.82 88.51 -50.19
N LEU C 269 -16.40 88.95 -51.30
CA LEU C 269 -15.88 90.07 -52.08
C LEU C 269 -16.14 91.39 -51.35
N ILE C 270 -15.09 92.16 -51.14
CA ILE C 270 -15.20 93.49 -50.54
C ILE C 270 -14.80 94.56 -51.56
N GLU C 271 -15.76 95.42 -51.88
CA GLU C 271 -15.54 96.53 -52.81
C GLU C 271 -15.68 97.87 -52.10
N PHE C 272 -15.11 98.91 -52.69
CA PHE C 272 -15.28 100.27 -52.19
C PHE C 272 -16.75 100.67 -52.31
N GLU C 273 -17.34 101.02 -51.17
CA GLU C 273 -18.71 101.52 -51.14
C GLU C 273 -18.76 102.89 -50.47
N GLU C 274 -19.08 103.91 -51.27
CA GLU C 274 -19.11 105.29 -50.79
C GLU C 274 -20.25 105.53 -49.79
N CYS C 275 -20.01 106.46 -48.87
CA CYS C 275 -20.97 106.79 -47.82
C CYS C 275 -22.20 107.51 -48.35
N ASP C 276 -23.31 107.38 -47.63
CA ASP C 276 -24.58 108.01 -48.00
C ASP C 276 -24.49 109.53 -47.95
#